data_3ES0
# 
_entry.id   3ES0 
# 
_audit_conform.dict_name       mmcif_pdbx.dic 
_audit_conform.dict_version    5.378 
_audit_conform.dict_location   http://mmcif.pdb.org/dictionaries/ascii/mmcif_pdbx.dic 
# 
loop_
_database_2.database_id 
_database_2.database_code 
_database_2.pdbx_database_accession 
_database_2.pdbx_DOI 
PDB   3ES0         pdb_00003es0 10.2210/pdb3es0/pdb 
NDB   DD0098       ?            ?                   
RCSB  RCSB049694   ?            ?                   
WWPDB D_1000049694 ?            ?                   
# 
loop_
_pdbx_database_related.db_name 
_pdbx_database_related.db_id 
_pdbx_database_related.details 
_pdbx_database_related.content_type 
PDB 1L1H 'Same quadruplex structure bound with a different ligand BSU-6039' unspecified 
PDB 1JPQ 'Same quadruplex structure in its native form (ligand-free)' unspecified 
PDB 1JRN 'Same quadruplex structure in its native form (ligand-free)' unspecified 
PDB 3CE5 
'A bimolecular parallel-stranded human telomeric quadruplex in complex with a 3,6,9-trisubstituted acridine molecule BRACO19' 
unspecified 
PDB 3EQW 
;A bimolecular anti-parallel-stranded Oxytricha nova telomeric quadruplex in complex with a 3,6-disubstituted acridine BSU-6042 in small unit cell
;
unspecified 
PDB 3EM2 
'A bimolecular anti-parallel-stranded Oxytricha nova telomeric quadruplex in complex with a 3,6-disubstituted acridine BSU-6038' 
unspecified 
PDB 3ERU 
'A bimolecular anti-parallel-stranded Oxytricha nova telomeric quadruplex in complex with a 3,6-disubstituted acridine BSU-6045' 
unspecified 
PDB 3ET8 
'A bimolecular anti-parallel-stranded Oxytricha nova telomeric quadruplex in complex with a 3,6-disubstituted acridine BSU-6054' 
unspecified 
# 
_pdbx_database_status.status_code                     REL 
_pdbx_database_status.entry_id                        3ES0 
_pdbx_database_status.recvd_initial_deposition_date   2008-10-03 
_pdbx_database_status.deposit_site                    RCSB 
_pdbx_database_status.process_site                    RCSB 
_pdbx_database_status.status_code_sf                  REL 
_pdbx_database_status.status_code_mr                  ? 
_pdbx_database_status.SG_entry                        ? 
_pdbx_database_status.pdb_format_compatible           Y 
_pdbx_database_status.status_code_cs                  ? 
_pdbx_database_status.status_code_nmr_data            ? 
_pdbx_database_status.methods_development_category    ? 
# 
loop_
_audit_author.name 
_audit_author.pdbx_ordinal 
'Campbell, N.H.' 1 
'Parkinson, G.'  2 
'Neidle, S.'     3 
# 
_citation.id                        primary 
_citation.title                     'Selectivity in Ligand Recognition of G-Quadruplex Loops.' 
_citation.journal_abbrev            Biochemistry 
_citation.journal_volume            48 
_citation.page_first                1675 
_citation.page_last                 1680 
_citation.year                      2009 
_citation.journal_id_ASTM           BICHAW 
_citation.country                   US 
_citation.journal_id_ISSN           0006-2960 
_citation.journal_id_CSD            0033 
_citation.book_publisher            ? 
_citation.pdbx_database_id_PubMed   19173611 
_citation.pdbx_database_id_DOI      10.1021/bi802233v 
# 
loop_
_citation_author.citation_id 
_citation_author.name 
_citation_author.ordinal 
_citation_author.identifier_ORCID 
primary 'Campbell, N.H.'  1 ? 
primary 'Patel, M.'       2 ? 
primary 'Tofa, A.B.'      3 ? 
primary 'Ghosh, R.'       4 ? 
primary 'Parkinson, G.N.' 5 ? 
primary 'Neidle, S.'      6 ? 
# 
_cell.entry_id           3ES0 
_cell.length_a           55.525 
_cell.length_b           42.462 
_cell.length_c           27.299 
_cell.angle_alpha        90.00 
_cell.angle_beta         90.00 
_cell.angle_gamma        90.00 
_cell.Z_PDB              8 
_cell.pdbx_unique_axis   ? 
_cell.length_a_esd       ? 
_cell.length_b_esd       ? 
_cell.length_c_esd       ? 
_cell.angle_alpha_esd    ? 
_cell.angle_beta_esd     ? 
_cell.angle_gamma_esd    ? 
# 
_symmetry.entry_id                         3ES0 
_symmetry.space_group_name_H-M             'P 21 21 2' 
_symmetry.pdbx_full_space_group_name_H-M   ? 
_symmetry.cell_setting                     ? 
_symmetry.Int_Tables_number                18 
_symmetry.space_group_name_Hall            ? 
# 
loop_
_entity.id 
_entity.type 
_entity.src_method 
_entity.pdbx_description 
_entity.formula_weight 
_entity.pdbx_number_of_molecules 
_entity.pdbx_ec 
_entity.pdbx_mutation 
_entity.pdbx_fragment 
_entity.details 
1 polymer     syn "5'-D(*DGP*DGP*DGP*DGP*DTP*DTP*DTP*DTP*DGP*DGP*DGP*DG)-3'" 3805.460 2  ? ? ? 
'Bimolecular anti-parallel-stranded DNA quadruplex' 
2 non-polymer syn 'POTASSIUM ION'                                            39.098   4  ? ? ? ? 
3 non-polymer syn '3,6-Bis[3-(4-methylpiperidino)propionamido]acridine'      515.690  1  ? ? ? ? 
4 water       nat water                                                      18.015   56 ? ? ? ? 
# 
_entity_poly.entity_id                      1 
_entity_poly.type                           polydeoxyribonucleotide 
_entity_poly.nstd_linkage                   no 
_entity_poly.nstd_monomer                   no 
_entity_poly.pdbx_seq_one_letter_code       '(DG)(DG)(DG)(DG)(DT)(DT)(DT)(DT)(DG)(DG)(DG)(DG)' 
_entity_poly.pdbx_seq_one_letter_code_can   GGGGTTTTGGGG 
_entity_poly.pdbx_strand_id                 A,B 
_entity_poly.pdbx_target_identifier         ? 
# 
loop_
_entity_poly_seq.entity_id 
_entity_poly_seq.num 
_entity_poly_seq.mon_id 
_entity_poly_seq.hetero 
1 1  DG n 
1 2  DG n 
1 3  DG n 
1 4  DG n 
1 5  DT n 
1 6  DT n 
1 7  DT n 
1 8  DT n 
1 9  DG n 
1 10 DG n 
1 11 DG n 
1 12 DG n 
# 
_pdbx_entity_src_syn.entity_id              1 
_pdbx_entity_src_syn.pdbx_src_id            1 
_pdbx_entity_src_syn.pdbx_alt_source_flag   sample 
_pdbx_entity_src_syn.pdbx_beg_seq_num       ? 
_pdbx_entity_src_syn.pdbx_end_seq_num       ? 
_pdbx_entity_src_syn.organism_scientific    ? 
_pdbx_entity_src_syn.organism_common_name   ? 
_pdbx_entity_src_syn.ncbi_taxonomy_id       ? 
_pdbx_entity_src_syn.details                'The sequence occurs naturally in Oxytricha nova' 
# 
_struct_ref.id                         1 
_struct_ref.db_name                    PDB 
_struct_ref.db_code                    3ES0 
_struct_ref.pdbx_db_accession          3ES0 
_struct_ref.entity_id                  1 
_struct_ref.pdbx_align_begin           1 
_struct_ref.pdbx_seq_one_letter_code   GGGGTTTTGGGG 
_struct_ref.pdbx_db_isoform            ? 
# 
loop_
_struct_ref_seq.align_id 
_struct_ref_seq.ref_id 
_struct_ref_seq.pdbx_PDB_id_code 
_struct_ref_seq.pdbx_strand_id 
_struct_ref_seq.seq_align_beg 
_struct_ref_seq.pdbx_seq_align_beg_ins_code 
_struct_ref_seq.seq_align_end 
_struct_ref_seq.pdbx_seq_align_end_ins_code 
_struct_ref_seq.pdbx_db_accession 
_struct_ref_seq.db_align_beg 
_struct_ref_seq.pdbx_db_align_beg_ins_code 
_struct_ref_seq.db_align_end 
_struct_ref_seq.pdbx_db_align_end_ins_code 
_struct_ref_seq.pdbx_auth_seq_align_beg 
_struct_ref_seq.pdbx_auth_seq_align_end 
1 1 3ES0 A 1 ? 12 ? 3ES0 1  ? 12 ? 1  12 
2 1 3ES0 B 1 ? 12 ? 3ES0 13 ? 24 ? 13 24 
# 
loop_
_chem_comp.id 
_chem_comp.type 
_chem_comp.mon_nstd_flag 
_chem_comp.name 
_chem_comp.pdbx_synonyms 
_chem_comp.formula 
_chem_comp.formula_weight 
DG  'DNA linking' y "2'-DEOXYGUANOSINE-5'-MONOPHOSPHATE"                  ? 'C10 H14 N5 O7 P' 347.221 
DT  'DNA linking' y "THYMIDINE-5'-MONOPHOSPHATE"                          ? 'C10 H15 N2 O8 P' 322.208 
HOH non-polymer   . WATER                                                 ? 'H2 O'            18.015  
K   non-polymer   . 'POTASSIUM ION'                                       ? 'K 1'             39.098  
NCK non-polymer   . '3,6-Bis[3-(4-methylpiperidino)propionamido]acridine' 
"N,N'-acridine-3,6-diylbis[3-(4-methylpiperidin-1-yl)propanamide]" 'C31 H41 N5 O2'   515.690 
# 
_exptl.entry_id          3ES0 
_exptl.method            'X-RAY DIFFRACTION' 
_exptl.crystals_number   1 
# 
_exptl_crystal.id                    1 
_exptl_crystal.density_meas          ? 
_exptl_crystal.density_Matthews      2.11 
_exptl_crystal.density_percent_sol   41.82 
_exptl_crystal.description           ? 
_exptl_crystal.F_000                 ? 
_exptl_crystal.preparation           ? 
# 
_exptl_crystal_grow.crystal_id      1 
_exptl_crystal_grow.method          'VAPOR DIFFUSION, HANGING DROP' 
_exptl_crystal_grow.temp            285.15 
_exptl_crystal_grow.temp_details    ? 
_exptl_crystal_grow.pH              7.0 
_exptl_crystal_grow.pdbx_details    
;2 microliter drops containing 5% v/v MPD, 0.50 mM DNA, 0.25 mM Ligand, 40 mM Potassium chloride, 5 mM Magnesium chloride, 4.1 Spermine equilibrated against 35% v/v MPD, pH 7.0, VAPOR DIFFUSION, HANGING DROP, temperature 285.15K
;
_exptl_crystal_grow.pdbx_pH_range   ? 
# 
loop_
_exptl_crystal_grow_comp.crystal_id 
_exptl_crystal_grow_comp.id 
_exptl_crystal_grow_comp.sol_id 
_exptl_crystal_grow_comp.name 
_exptl_crystal_grow_comp.volume 
_exptl_crystal_grow_comp.conc 
_exptl_crystal_grow_comp.details 
1 1 1 MPD                  ? ? ? 
1 2 1 'Potassium chloride' ? ? ? 
1 3 1 'Magnesium chloride' ? ? ? 
1 4 1 Spermine             ? ? ? 
1 5 2 MPD                  ? ? ? 
# 
_diffrn.id                     1 
_diffrn.ambient_temp           105 
_diffrn.ambient_temp_details   ? 
_diffrn.crystal_id             1 
# 
_diffrn_detector.diffrn_id              1 
_diffrn_detector.detector               'IMAGE PLATE' 
_diffrn_detector.type                   'RIGAKU RAXIS IV' 
_diffrn_detector.pdbx_collection_date   2006-11-02 
_diffrn_detector.details                mirrors 
# 
_diffrn_radiation.diffrn_id                        1 
_diffrn_radiation.wavelength_id                    1 
_diffrn_radiation.pdbx_monochromatic_or_laue_m_l   M 
_diffrn_radiation.monochromator                    'Osmic mirrors' 
_diffrn_radiation.pdbx_diffrn_protocol             'SINGLE WAVELENGTH' 
_diffrn_radiation.pdbx_scattering_type             x-ray 
# 
_diffrn_radiation_wavelength.id           1 
_diffrn_radiation_wavelength.wavelength   1.5418 
_diffrn_radiation_wavelength.wt           1.0 
# 
_diffrn_source.diffrn_id                   1 
_diffrn_source.source                      'ROTATING ANODE' 
_diffrn_source.type                        'RIGAKU RU200' 
_diffrn_source.pdbx_synchrotron_site       ? 
_diffrn_source.pdbx_synchrotron_beamline   ? 
_diffrn_source.pdbx_wavelength             ? 
_diffrn_source.pdbx_wavelength_list        1.5418 
# 
_reflns.entry_id                     3ES0 
_reflns.observed_criterion_sigma_I   3.00 
_reflns.observed_criterion_sigma_F   ? 
_reflns.d_resolution_low             24.50 
_reflns.d_resolution_high            2.20 
_reflns.number_obs                   3549 
_reflns.number_all                   3561 
_reflns.percent_possible_obs         99.7 
_reflns.pdbx_Rmerge_I_obs            0.041 
_reflns.pdbx_Rsym_value              ? 
_reflns.pdbx_netI_over_sigmaI        18.1 
_reflns.B_iso_Wilson_estimate        27.135 
_reflns.pdbx_redundancy              2.91 
_reflns.R_free_details               ? 
_reflns.pdbx_chi_squared             ? 
_reflns.pdbx_scaling_rejects         ? 
_reflns.pdbx_diffrn_id               1 
_reflns.pdbx_ordinal                 1 
# 
_reflns_shell.d_res_high             2.20 
_reflns_shell.d_res_low              2.28 
_reflns_shell.percent_possible_all   100.0 
_reflns_shell.Rmerge_I_obs           0.085 
_reflns_shell.pdbx_Rsym_value        ? 
_reflns_shell.meanI_over_sigI_obs    10.2 
_reflns_shell.pdbx_redundancy        2.93 
_reflns_shell.percent_possible_obs   ? 
_reflns_shell.number_unique_all      348 
_reflns_shell.number_measured_all    ? 
_reflns_shell.number_measured_obs    ? 
_reflns_shell.number_unique_obs      ? 
_reflns_shell.pdbx_chi_squared       ? 
_reflns_shell.pdbx_diffrn_id         ? 
_reflns_shell.pdbx_ordinal           1 
# 
_refine.entry_id                                 3ES0 
_refine.ls_number_reflns_obs                     3549 
_refine.ls_number_reflns_all                     ? 
_refine.pdbx_ls_sigma_I                          ? 
_refine.pdbx_ls_sigma_F                          ? 
_refine.pdbx_data_cutoff_high_absF               ? 
_refine.pdbx_data_cutoff_low_absF                ? 
_refine.pdbx_data_cutoff_high_rms_absF           ? 
_refine.ls_d_res_low                             24.50 
_refine.ls_d_res_high                            2.20 
_refine.ls_percent_reflns_obs                    99.63 
_refine.ls_R_factor_obs                          0.19682 
_refine.ls_R_factor_all                          ? 
_refine.ls_R_factor_R_work                       0.19452 
_refine.ls_R_factor_R_free                       0.24507 
_refine.ls_R_factor_R_free_error                 ? 
_refine.ls_R_factor_R_free_error_details         ? 
_refine.ls_percent_reflns_R_free                 4.5 
_refine.ls_number_reflns_R_free                  160 
_refine.ls_number_parameters                     ? 
_refine.ls_number_restraints                     ? 
_refine.occupancy_min                            ? 
_refine.occupancy_max                            ? 
_refine.correlation_coeff_Fo_to_Fc               0.942 
_refine.correlation_coeff_Fo_to_Fc_free          0.895 
_refine.B_iso_mean                               11.105 
_refine.aniso_B[1][1]                            -0.18 
_refine.aniso_B[2][2]                            -0.98 
_refine.aniso_B[3][3]                            1.16 
_refine.aniso_B[1][2]                            0.00 
_refine.aniso_B[1][3]                            0.00 
_refine.aniso_B[2][3]                            0.00 
_refine.solvent_model_details                    MASK 
_refine.solvent_model_param_ksol                 ? 
_refine.solvent_model_param_bsol                 ? 
_refine.pdbx_solvent_vdw_probe_radii             1.20 
_refine.pdbx_solvent_ion_probe_radii             0.80 
_refine.pdbx_solvent_shrinkage_radii             0.80 
_refine.pdbx_ls_cross_valid_method               THROUGHOUT 
_refine.details                                  ? 
_refine.pdbx_starting_model                      'PDB entry 1L1H' 
_refine.pdbx_method_to_determine_struct          'MOLECULAR REPLACEMENT' 
_refine.pdbx_isotropic_thermal_model             isotropic 
_refine.pdbx_stereochemistry_target_values       'MAXIMUM LIKELIHOOD' 
_refine.pdbx_stereochem_target_val_spec_case     ? 
_refine.pdbx_R_Free_selection_details            RANDOM 
_refine.pdbx_overall_ESU_R                       0.344 
_refine.pdbx_overall_ESU_R_Free                  0.232 
_refine.overall_SU_ML                            0.134 
_refine.overall_SU_B                             5.344 
_refine.ls_redundancy_reflns_obs                 ? 
_refine.overall_SU_R_Cruickshank_DPI             ? 
_refine.overall_SU_R_free                        ? 
_refine.ls_wR_factor_R_free                      ? 
_refine.ls_wR_factor_R_work                      ? 
_refine.overall_FOM_free_R_set                   ? 
_refine.overall_FOM_work_R_set                   ? 
_refine.pdbx_overall_phase_error                 ? 
_refine.pdbx_refine_id                           'X-RAY DIFFRACTION' 
_refine.pdbx_diffrn_id                           1 
_refine.pdbx_TLS_residual_ADP_flag               ? 
_refine.pdbx_overall_SU_R_free_Cruickshank_DPI   ? 
_refine.pdbx_overall_SU_R_Blow_DPI               ? 
_refine.pdbx_overall_SU_R_free_Blow_DPI          ? 
# 
_refine_hist.pdbx_refine_id                   'X-RAY DIFFRACTION' 
_refine_hist.cycle_id                         LAST 
_refine_hist.pdbx_number_atoms_protein        0 
_refine_hist.pdbx_number_atoms_nucleic_acid   506 
_refine_hist.pdbx_number_atoms_ligand         42 
_refine_hist.number_atoms_solvent             56 
_refine_hist.number_atoms_total               604 
_refine_hist.d_res_high                       2.20 
_refine_hist.d_res_low                        24.50 
# 
loop_
_refine_ls_restr.type 
_refine_ls_restr.dev_ideal 
_refine_ls_restr.dev_ideal_target 
_refine_ls_restr.weight 
_refine_ls_restr.number 
_refine_ls_restr.pdbx_refine_id 
_refine_ls_restr.pdbx_restraint_function 
r_bond_refined_d         0.007 0.021 ? 610 'X-RAY DIFFRACTION' ? 
r_angle_refined_deg      1.726 3.000 ? 938 'X-RAY DIFFRACTION' ? 
r_chiral_restr           0.053 0.200 ? 94  'X-RAY DIFFRACTION' ? 
r_gen_planes_refined     0.007 0.020 ? 306 'X-RAY DIFFRACTION' ? 
r_nbd_refined            0.342 0.200 ? 193 'X-RAY DIFFRACTION' ? 
r_nbtor_refined          0.287 0.200 ? 341 'X-RAY DIFFRACTION' ? 
r_xyhbond_nbd_refined    0.139 0.200 ? 33  'X-RAY DIFFRACTION' ? 
r_metal_ion_refined      0.091 0.200 ? 10  'X-RAY DIFFRACTION' ? 
r_symmetry_vdw_refined   0.155 0.200 ? 17  'X-RAY DIFFRACTION' ? 
r_symmetry_hbond_refined 0.136 0.200 ? 9   'X-RAY DIFFRACTION' ? 
r_scbond_it              0.902 3.000 ? 685 'X-RAY DIFFRACTION' ? 
r_scangle_it             1.361 4.500 ? 938 'X-RAY DIFFRACTION' ? 
# 
_refine_ls_shell.pdbx_total_number_of_bins_used   20 
_refine_ls_shell.d_res_high                       2.200 
_refine_ls_shell.d_res_low                        2.257 
_refine_ls_shell.number_reflns_R_work             243 
_refine_ls_shell.R_factor_R_work                  0.251 
_refine_ls_shell.percent_reflns_obs               100.00 
_refine_ls_shell.R_factor_R_free                  0.362 
_refine_ls_shell.R_factor_R_free_error            ? 
_refine_ls_shell.percent_reflns_R_free            ? 
_refine_ls_shell.number_reflns_R_free             11 
_refine_ls_shell.number_reflns_all                ? 
_refine_ls_shell.R_factor_all                     ? 
_refine_ls_shell.number_reflns_obs                ? 
_refine_ls_shell.redundancy_reflns_obs            ? 
_refine_ls_shell.pdbx_refine_id                   'X-RAY DIFFRACTION' 
# 
_struct.entry_id                  3ES0 
_struct.title                     
'A bimolecular anti-parallel-stranded Oxytricha nova telomeric quadruplex in complex with a 3,6-disubstituted acridine BSU-6048' 
_struct.pdbx_model_details        ? 
_struct.pdbx_CASP_flag            ? 
_struct.pdbx_model_type_details   ? 
# 
_struct_keywords.entry_id        3ES0 
_struct_keywords.pdbx_keywords   DNA 
_struct_keywords.text            
'quadruplex, Oxytricha nova, BSU-6048, BSU6048, anti-parallel, bimolecular, macromolecule, DNA, G-quadruplex' 
# 
loop_
_struct_asym.id 
_struct_asym.pdbx_blank_PDB_chainid_flag 
_struct_asym.pdbx_modified 
_struct_asym.entity_id 
_struct_asym.details 
A N N 1 ? 
B N N 1 ? 
C N N 2 ? 
D N N 2 ? 
E N N 2 ? 
F N N 3 ? 
G N N 2 ? 
H N N 4 ? 
I N N 4 ? 
# 
_struct_biol.id        1 
_struct_biol.details   ? 
# 
loop_
_struct_conn.id 
_struct_conn.conn_type_id 
_struct_conn.pdbx_leaving_atom_flag 
_struct_conn.pdbx_PDB_id 
_struct_conn.ptnr1_label_asym_id 
_struct_conn.ptnr1_label_comp_id 
_struct_conn.ptnr1_label_seq_id 
_struct_conn.ptnr1_label_atom_id 
_struct_conn.pdbx_ptnr1_label_alt_id 
_struct_conn.pdbx_ptnr1_PDB_ins_code 
_struct_conn.pdbx_ptnr1_standard_comp_id 
_struct_conn.ptnr1_symmetry 
_struct_conn.ptnr2_label_asym_id 
_struct_conn.ptnr2_label_comp_id 
_struct_conn.ptnr2_label_seq_id 
_struct_conn.ptnr2_label_atom_id 
_struct_conn.pdbx_ptnr2_label_alt_id 
_struct_conn.pdbx_ptnr2_PDB_ins_code 
_struct_conn.ptnr1_auth_asym_id 
_struct_conn.ptnr1_auth_comp_id 
_struct_conn.ptnr1_auth_seq_id 
_struct_conn.ptnr2_auth_asym_id 
_struct_conn.ptnr2_auth_comp_id 
_struct_conn.ptnr2_auth_seq_id 
_struct_conn.ptnr2_symmetry 
_struct_conn.pdbx_ptnr3_label_atom_id 
_struct_conn.pdbx_ptnr3_label_seq_id 
_struct_conn.pdbx_ptnr3_label_comp_id 
_struct_conn.pdbx_ptnr3_label_asym_id 
_struct_conn.pdbx_ptnr3_label_alt_id 
_struct_conn.pdbx_ptnr3_PDB_ins_code 
_struct_conn.details 
_struct_conn.pdbx_dist_value 
_struct_conn.pdbx_value_order 
_struct_conn.pdbx_role 
metalc1  metalc ? ? A DG 1  O6 ? ? ? 1_555 C K   .  K  ? ? A DG 1  A K   26 1_555 ? ? ? ? ? ? ?               2.751 ? ? 
metalc2  metalc ? ? A DG 2  O6 ? ? ? 1_555 C K   .  K  ? ? A DG 2  A K   26 1_555 ? ? ? ? ? ? ?               2.916 ? ? 
metalc3  metalc ? ? A DG 2  O6 ? ? ? 1_555 D K   .  K  ? ? A DG 2  A K   27 1_555 ? ? ? ? ? ? ?               2.777 ? ? 
metalc4  metalc ? ? A DG 3  O6 ? ? ? 1_555 D K   .  K  ? ? A DG 3  A K   27 1_555 ? ? ? ? ? ? ?               2.881 ? ? 
metalc5  metalc ? ? A DG 4  O6 ? ? ? 1_555 E K   .  K  ? ? A DG 4  A K   28 1_555 ? ? ? ? ? ? ?               2.843 ? ? 
metalc6  metalc ? ? A DG 9  O6 ? ? ? 1_555 E K   .  K  ? ? A DG 9  A K   28 1_555 ? ? ? ? ? ? ?               2.681 ? ? 
metalc7  metalc ? ? A DG 10 O6 ? ? ? 1_555 D K   .  K  ? ? A DG 10 A K   27 1_555 ? ? ? ? ? ? ?               2.827 ? ? 
metalc8  metalc ? ? A DG 11 O6 ? ? ? 1_555 C K   .  K  ? ? A DG 11 A K   26 1_555 ? ? ? ? ? ? ?               2.791 ? ? 
metalc9  metalc ? ? A DG 11 O6 ? ? ? 1_555 D K   .  K  ? ? A DG 11 A K   27 1_555 ? ? ? ? ? ? ?               2.960 ? ? 
metalc10 metalc ? ? A DG 12 O6 ? ? ? 1_555 C K   .  K  ? ? A DG 12 A K   26 1_555 ? ? ? ? ? ? ?               2.789 ? ? 
metalc11 metalc ? ? A DG 12 O6 ? ? ? 1_555 G K   .  K  ? ? A DG 12 B K   25 1_555 ? ? ? ? ? ? ?               2.979 ? ? 
metalc12 metalc ? ? C K  .  K  ? ? ? 1_555 B DG  3  O6 ? ? A K  26 B DG  15 1_555 ? ? ? ? ? ? ?               2.897 ? ? 
metalc13 metalc ? ? C K  .  K  ? ? ? 1_555 B DG  4  O6 ? ? A K  26 B DG  16 1_555 ? ? ? ? ? ? ?               2.752 ? ? 
metalc14 metalc ? ? C K  .  K  ? ? ? 1_555 B DG  9  O6 ? ? A K  26 B DG  21 1_555 ? ? ? ? ? ? ?               2.863 ? ? 
metalc15 metalc ? ? C K  .  K  ? ? ? 1_555 B DG  10 O6 ? ? A K  26 B DG  22 1_555 ? ? ? ? ? ? ?               2.956 ? ? 
metalc16 metalc ? ? D K  .  K  ? ? ? 1_555 B DG  2  O6 ? ? A K  27 B DG  14 1_555 ? ? ? ? ? ? ?               2.777 ? ? 
metalc17 metalc ? ? D K  .  K  ? ? ? 1_555 B DG  3  O6 ? ? A K  27 B DG  15 1_555 ? ? ? ? ? ? ?               2.834 ? ? 
metalc18 metalc ? ? D K  .  K  ? ? ? 1_555 B DG  10 O6 ? ? A K  27 B DG  22 1_555 ? ? ? ? ? ? ?               2.933 ? ? 
metalc19 metalc ? ? D K  .  K  ? ? ? 1_555 B DG  11 O6 ? ? A K  27 B DG  23 1_555 ? ? ? ? ? ? ?               2.842 ? ? 
metalc20 metalc ? ? E K  .  K  ? ? ? 1_555 B DG  1  O6 ? ? A K  28 B DG  13 1_555 ? ? ? ? ? ? ?               2.781 ? ? 
metalc21 metalc ? ? E K  .  K  ? ? ? 1_555 B DG  12 O6 ? ? A K  28 B DG  24 1_555 ? ? ? ? ? ? ?               2.706 ? ? 
metalc22 metalc ? ? B DG 4  O6 ? ? ? 1_555 G K   .  K  ? ? B DG 16 B K   25 1_555 ? ? ? ? ? ? ?               2.996 ? ? 
metalc23 metalc ? ? B DT 5  O2 ? ? ? 1_555 G K   .  K  ? ? B DT 17 B K   25 1_555 ? ? ? ? ? ? ?               2.876 ? ? 
metalc24 metalc ? ? B DT 7  O2 ? ? ? 1_555 G K   .  K  ? ? B DT 19 B K   25 1_555 ? ? ? ? ? ? ?               2.653 ? ? 
metalc25 metalc ? ? G K  .  K  ? ? ? 1_555 I HOH .  O  ? ? B K  25 B HOH 40 1_555 ? ? ? ? ? ? ?               2.586 ? ? 
hydrog1  hydrog ? ? A DG 1  N7 ? ? ? 1_555 B DG  4  N2 ? ? A DG 1  B DG  16 1_555 ? ? ? ? ? ? TYPE_6_PAIR     ?     ? ? 
hydrog2  hydrog ? ? A DG 1  O6 ? ? ? 1_555 B DG  4  N1 ? ? A DG 1  B DG  16 1_555 ? ? ? ? ? ? TYPE_6_PAIR     ?     ? ? 
hydrog3  hydrog ? ? A DG 1  N1 ? ? ? 1_555 B DG  9  O6 ? ? A DG 1  B DG  21 1_555 ? ? ? ? ? ? TYPE_6_PAIR     ?     ? ? 
hydrog4  hydrog ? ? A DG 1  N2 ? ? ? 1_555 B DG  9  N7 ? ? A DG 1  B DG  21 1_555 ? ? ? ? ? ? TYPE_6_PAIR     ?     ? ? 
hydrog5  hydrog ? ? A DG 2  N1 ? ? ? 1_555 B DG  3  O6 ? ? A DG 2  B DG  15 1_555 ? ? ? ? ? ? TYPE_6_PAIR     ?     ? ? 
hydrog6  hydrog ? ? A DG 2  N2 ? ? ? 1_555 B DG  3  N7 ? ? A DG 2  B DG  15 1_555 ? ? ? ? ? ? TYPE_6_PAIR     ?     ? ? 
hydrog7  hydrog ? ? A DG 2  N7 ? ? ? 1_555 B DG  10 N2 ? ? A DG 2  B DG  22 1_555 ? ? ? ? ? ? TYPE_6_PAIR     ?     ? ? 
hydrog8  hydrog ? ? A DG 2  O6 ? ? ? 1_555 B DG  10 N1 ? ? A DG 2  B DG  22 1_555 ? ? ? ? ? ? TYPE_6_PAIR     ?     ? ? 
hydrog9  hydrog ? ? A DG 3  N7 ? ? ? 1_555 B DG  2  N2 ? ? A DG 3  B DG  14 1_555 ? ? ? ? ? ? TYPE_6_PAIR     ?     ? ? 
hydrog10 hydrog ? ? A DG 3  O6 ? ? ? 1_555 B DG  2  N1 ? ? A DG 3  B DG  14 1_555 ? ? ? ? ? ? TYPE_6_PAIR     ?     ? ? 
hydrog11 hydrog ? ? A DG 3  N1 ? ? ? 1_555 B DG  11 O6 ? ? A DG 3  B DG  23 1_555 ? ? ? ? ? ? TYPE_6_PAIR     ?     ? ? 
hydrog12 hydrog ? ? A DG 3  N2 ? ? ? 1_555 B DG  11 N7 ? ? A DG 3  B DG  23 1_555 ? ? ? ? ? ? TYPE_6_PAIR     ?     ? ? 
hydrog13 hydrog ? ? A DG 4  N1 ? ? ? 1_555 B DG  1  O6 ? ? A DG 4  B DG  13 1_555 ? ? ? ? ? ? TYPE_6_PAIR     ?     ? ? 
hydrog14 hydrog ? ? A DG 4  N2 ? ? ? 1_555 B DG  1  N7 ? ? A DG 4  B DG  13 1_555 ? ? ? ? ? ? TYPE_6_PAIR     ?     ? ? 
hydrog15 hydrog ? ? A DG 4  N7 ? ? ? 1_555 B DG  12 N2 ? ? A DG 4  B DG  24 1_555 ? ? ? ? ? ? TYPE_6_PAIR     ?     ? ? 
hydrog16 hydrog ? ? A DG 4  O6 ? ? ? 1_555 B DG  12 N1 ? ? A DG 4  B DG  24 1_555 ? ? ? ? ? ? TYPE_6_PAIR     ?     ? ? 
hydrog17 hydrog ? ? A DG 9  N7 ? ? ? 1_555 B DG  1  N2 ? ? A DG 9  B DG  13 1_555 ? ? ? ? ? ? TYPE_6_PAIR     ?     ? ? 
hydrog18 hydrog ? ? A DG 9  O6 ? ? ? 1_555 B DG  1  N1 ? ? A DG 9  B DG  13 1_555 ? ? ? ? ? ? TYPE_6_PAIR     ?     ? ? 
hydrog19 hydrog ? ? A DG 9  N1 ? ? ? 1_555 B DG  12 O6 ? ? A DG 9  B DG  24 1_555 ? ? ? ? ? ? TYPE_6_PAIR     ?     ? ? 
hydrog20 hydrog ? ? A DG 9  N2 ? ? ? 1_555 B DG  12 N7 ? ? A DG 9  B DG  24 1_555 ? ? ? ? ? ? TYPE_6_PAIR     ?     ? ? 
hydrog21 hydrog ? ? A DG 10 N1 ? ? ? 1_555 B DG  2  O6 ? ? A DG 10 B DG  14 1_555 ? ? ? ? ? ? TYPE_6_PAIR     ?     ? ? 
hydrog22 hydrog ? ? A DG 10 N2 ? ? ? 1_555 B DG  2  N7 ? ? A DG 10 B DG  14 1_555 ? ? ? ? ? ? TYPE_6_PAIR     ?     ? ? 
hydrog23 hydrog ? ? A DG 10 N7 ? ? ? 1_555 B DG  11 N2 ? ? A DG 10 B DG  23 1_555 ? ? ? ? ? ? TYPE_6_PAIR     ?     ? ? 
hydrog24 hydrog ? ? A DG 10 O6 ? ? ? 1_555 B DG  11 N1 ? ? A DG 10 B DG  23 1_555 ? ? ? ? ? ? TYPE_6_PAIR     ?     ? ? 
hydrog25 hydrog ? ? A DG 11 N7 ? ? ? 1_555 B DG  3  N2 ? ? A DG 11 B DG  15 1_555 ? ? ? ? ? ? TYPE_6_PAIR     ?     ? ? 
hydrog26 hydrog ? ? A DG 11 O6 ? ? ? 1_555 B DG  3  N1 ? ? A DG 11 B DG  15 1_555 ? ? ? ? ? ? TYPE_6_PAIR     ?     ? ? 
hydrog27 hydrog ? ? A DG 11 N1 ? ? ? 1_555 B DG  10 O6 ? ? A DG 11 B DG  22 1_555 ? ? ? ? ? ? TYPE_6_PAIR     ?     ? ? 
hydrog28 hydrog ? ? A DG 11 N2 ? ? ? 1_555 B DG  10 N7 ? ? A DG 11 B DG  22 1_555 ? ? ? ? ? ? TYPE_6_PAIR     ?     ? ? 
hydrog29 hydrog ? ? A DG 12 N1 ? ? ? 1_555 B DG  4  O6 ? ? A DG 12 B DG  16 1_555 ? ? ? ? ? ? TYPE_6_PAIR     ?     ? ? 
hydrog30 hydrog ? ? A DG 12 N2 ? ? ? 1_555 B DG  4  N7 ? ? A DG 12 B DG  16 1_555 ? ? ? ? ? ? TYPE_6_PAIR     ?     ? ? 
hydrog31 hydrog ? ? A DG 12 N7 ? ? ? 1_555 B DG  9  N2 ? ? A DG 12 B DG  21 1_555 ? ? ? ? ? ? TYPE_6_PAIR     ?     ? ? 
hydrog32 hydrog ? ? A DG 12 O6 ? ? ? 1_555 B DG  9  N1 ? ? A DG 12 B DG  21 1_555 ? ? ? ? ? ? TYPE_6_PAIR     ?     ? ? 
hydrog33 hydrog ? ? B DT 5  O2 ? ? ? 1_555 B DT  7  N3 ? ? B DT 17 B DT  19 1_555 ? ? ? ? ? ? 'DT-DT MISPAIR' ?     ? ? 
# 
loop_
_struct_conn_type.id 
_struct_conn_type.criteria 
_struct_conn_type.reference 
metalc ? ? 
hydrog ? ? 
# 
loop_
_struct_site.id 
_struct_site.pdbx_evidence_code 
_struct_site.pdbx_auth_asym_id 
_struct_site.pdbx_auth_comp_id 
_struct_site.pdbx_auth_seq_id 
_struct_site.pdbx_auth_ins_code 
_struct_site.pdbx_num_residues 
_struct_site.details 
AC1 Software A K   26 ? 10 'BINDING SITE FOR RESIDUE K A 26'   
AC2 Software A K   27 ? 10 'BINDING SITE FOR RESIDUE K A 27'   
AC3 Software A K   28 ? 9  'BINDING SITE FOR RESIDUE K A 28'   
AC4 Software A NCK 29 ? 8  'BINDING SITE FOR RESIDUE NCK A 29' 
AC5 Software B K   25 ? 8  'BINDING SITE FOR RESIDUE K B 25'   
# 
loop_
_struct_site_gen.id 
_struct_site_gen.site_id 
_struct_site_gen.pdbx_num_res 
_struct_site_gen.label_comp_id 
_struct_site_gen.label_asym_id 
_struct_site_gen.label_seq_id 
_struct_site_gen.pdbx_auth_ins_code 
_struct_site_gen.auth_comp_id 
_struct_site_gen.auth_asym_id 
_struct_site_gen.auth_seq_id 
_struct_site_gen.label_atom_id 
_struct_site_gen.label_alt_id 
_struct_site_gen.symmetry 
_struct_site_gen.details 
1  AC1 10 DG  A 1  ? DG  A 1  . ? 1_555 ? 
2  AC1 10 DG  A 2  ? DG  A 2  . ? 1_555 ? 
3  AC1 10 DG  A 11 ? DG  A 11 . ? 1_555 ? 
4  AC1 10 DG  A 12 ? DG  A 12 . ? 1_555 ? 
5  AC1 10 K   D .  ? K   A 27 . ? 1_555 ? 
6  AC1 10 DG  B 3  ? DG  B 15 . ? 1_555 ? 
7  AC1 10 DG  B 4  ? DG  B 16 . ? 1_555 ? 
8  AC1 10 DG  B 9  ? DG  B 21 . ? 1_555 ? 
9  AC1 10 DG  B 10 ? DG  B 22 . ? 1_555 ? 
10 AC1 10 K   G .  ? K   B 25 . ? 1_555 ? 
11 AC2 10 DG  A 2  ? DG  A 2  . ? 1_555 ? 
12 AC2 10 DG  A 3  ? DG  A 3  . ? 1_555 ? 
13 AC2 10 DG  A 10 ? DG  A 10 . ? 1_555 ? 
14 AC2 10 DG  A 11 ? DG  A 11 . ? 1_555 ? 
15 AC2 10 K   C .  ? K   A 26 . ? 1_555 ? 
16 AC2 10 K   E .  ? K   A 28 . ? 1_555 ? 
17 AC2 10 DG  B 2  ? DG  B 14 . ? 1_555 ? 
18 AC2 10 DG  B 3  ? DG  B 15 . ? 1_555 ? 
19 AC2 10 DG  B 10 ? DG  B 22 . ? 1_555 ? 
20 AC2 10 DG  B 11 ? DG  B 23 . ? 1_555 ? 
21 AC3 9  DG  A 3  ? DG  A 3  . ? 1_555 ? 
22 AC3 9  DG  A 4  ? DG  A 4  . ? 1_555 ? 
23 AC3 9  DG  A 9  ? DG  A 9  . ? 1_555 ? 
24 AC3 9  DG  A 10 ? DG  A 10 . ? 1_555 ? 
25 AC3 9  K   D .  ? K   A 27 . ? 1_555 ? 
26 AC3 9  DG  B 1  ? DG  B 13 . ? 1_555 ? 
27 AC3 9  DG  B 2  ? DG  B 14 . ? 1_555 ? 
28 AC3 9  DG  B 11 ? DG  B 23 . ? 1_555 ? 
29 AC3 9  DG  B 12 ? DG  B 24 . ? 1_555 ? 
30 AC4 8  DT  A 6  ? DT  A 6  . ? 1_555 ? 
31 AC4 8  DT  A 7  ? DT  A 7  . ? 1_555 ? 
32 AC4 8  DG  A 9  ? DG  A 9  . ? 1_555 ? 
33 AC4 8  HOH H .  ? HOH A 40 . ? 1_555 ? 
34 AC4 8  HOH H .  ? HOH A 61 . ? 1_555 ? 
35 AC4 8  DG  B 1  ? DG  B 13 . ? 1_555 ? 
36 AC4 8  DT  B 8  ? DT  B 20 . ? 3_444 ? 
37 AC4 8  DG  B 12 ? DG  B 24 . ? 1_555 ? 
38 AC5 8  DG  A 1  ? DG  A 1  . ? 1_555 ? 
39 AC5 8  DG  A 12 ? DG  A 12 . ? 1_555 ? 
40 AC5 8  K   C .  ? K   A 26 . ? 1_555 ? 
41 AC5 8  DG  B 4  ? DG  B 16 . ? 1_555 ? 
42 AC5 8  DT  B 5  ? DT  B 17 . ? 1_555 ? 
43 AC5 8  DT  B 7  ? DT  B 19 . ? 1_555 ? 
44 AC5 8  DG  B 9  ? DG  B 21 . ? 1_555 ? 
45 AC5 8  HOH I .  ? HOH B 40 . ? 1_555 ? 
# 
_atom_sites.entry_id                    3ES0 
_atom_sites.fract_transf_matrix[1][1]   -0.00251656 
_atom_sites.fract_transf_matrix[1][2]   0.01745679 
_atom_sites.fract_transf_matrix[1][3]   0.00364518 
_atom_sites.fract_transf_matrix[2][1]   0.01878372 
_atom_sites.fract_transf_matrix[2][2]   -0.00025812 
_atom_sites.fract_transf_matrix[2][3]   0.01420404 
_atom_sites.fract_transf_matrix[3][1]   0.02149606 
_atom_sites.fract_transf_matrix[3][2]   0.00900057 
_atom_sites.fract_transf_matrix[3][3]   -0.02826327 
_atom_sites.fract_transf_vector[1]      -0.125271 
_atom_sites.fract_transf_vector[2]      0.230903 
_atom_sites.fract_transf_vector[3]      -0.437655 
# 
loop_
_atom_type.symbol 
C 
K 
N 
O 
P 
# 
loop_
_atom_site.group_PDB 
_atom_site.id 
_atom_site.type_symbol 
_atom_site.label_atom_id 
_atom_site.label_alt_id 
_atom_site.label_comp_id 
_atom_site.label_asym_id 
_atom_site.label_entity_id 
_atom_site.label_seq_id 
_atom_site.pdbx_PDB_ins_code 
_atom_site.Cartn_x 
_atom_site.Cartn_y 
_atom_site.Cartn_z 
_atom_site.occupancy 
_atom_site.B_iso_or_equiv 
_atom_site.pdbx_formal_charge 
_atom_site.auth_seq_id 
_atom_site.auth_comp_id 
_atom_site.auth_asym_id 
_atom_site.auth_atom_id 
_atom_site.pdbx_PDB_model_num 
ATOM   1   O "O5'" . DG  A 1 1  ? 3.162   -6.990  7.281   1.00 11.37 ? 1  DG  A "O5'" 1 
ATOM   2   C "C5'" . DG  A 1 1  ? 2.636   -7.560  8.470   1.00 9.50  ? 1  DG  A "C5'" 1 
ATOM   3   C "C4'" . DG  A 1 1  ? 1.116   -7.540  8.485   1.00 9.77  ? 1  DG  A "C4'" 1 
ATOM   4   O "O4'" . DG  A 1 1  ? 0.621   -6.177  8.537   1.00 9.78  ? 1  DG  A "O4'" 1 
ATOM   5   C "C3'" . DG  A 1 1  ? 0.418   -8.181  7.293   1.00 10.06 ? 1  DG  A "C3'" 1 
ATOM   6   O "O3'" . DG  A 1 1  ? -0.721  -8.899  7.774   1.00 10.12 ? 1  DG  A "O3'" 1 
ATOM   7   C "C2'" . DG  A 1 1  ? 0.019   -6.980  6.433   1.00 9.95  ? 1  DG  A "C2'" 1 
ATOM   8   C "C1'" . DG  A 1 1  ? -0.332  -5.968  7.517   1.00 8.66  ? 1  DG  A "C1'" 1 
ATOM   9   N N9    . DG  A 1 1  ? -0.242  -4.576  7.103   1.00 7.50  ? 1  DG  A N9    1 
ATOM   10  C C8    . DG  A 1 1  ? -1.241  -3.641  7.235   1.00 7.80  ? 1  DG  A C8    1 
ATOM   11  N N7    . DG  A 1 1  ? -0.909  -2.458  6.804   1.00 7.55  ? 1  DG  A N7    1 
ATOM   12  C C5    . DG  A 1 1  ? 0.394   -2.625  6.347   1.00 7.48  ? 1  DG  A C5    1 
ATOM   13  C C6    . DG  A 1 1  ? 1.288   -1.694  5.756   1.00 7.68  ? 1  DG  A C6    1 
ATOM   14  O O6    . DG  A 1 1  ? 1.086   -0.497  5.516   1.00 9.03  ? 1  DG  A O6    1 
ATOM   15  N N1    . DG  A 1 1  ? 2.532   -2.234  5.425   1.00 6.47  ? 1  DG  A N1    1 
ATOM   16  C C2    . DG  A 1 1  ? 2.876   -3.537  5.644   1.00 6.63  ? 1  DG  A C2    1 
ATOM   17  N N2    . DG  A 1 1  ? 4.114   -3.881  5.270   1.00 7.32  ? 1  DG  A N2    1 
ATOM   18  N N3    . DG  A 1 1  ? 2.054   -4.429  6.191   1.00 7.19  ? 1  DG  A N3    1 
ATOM   19  C C4    . DG  A 1 1  ? 0.828   -3.919  6.523   1.00 7.32  ? 1  DG  A C4    1 
ATOM   20  P P     . DG  A 1 2  ? -1.661  -9.730  6.791   1.00 8.39  ? 2  DG  A P     1 
ATOM   21  O OP1   . DG  A 1 2  ? -2.470  -10.655 7.597   1.00 9.90  ? 2  DG  A OP1   1 
ATOM   22  O OP2   . DG  A 1 2  ? -0.851  -10.246 5.679   1.00 8.81  ? 2  DG  A OP2   1 
ATOM   23  O "O5'" . DG  A 1 2  ? -2.630  -8.614  6.221   1.00 9.14  ? 2  DG  A "O5'" 1 
ATOM   24  C "C5'" . DG  A 1 2  ? -3.591  -8.009  7.079   1.00 9.07  ? 2  DG  A "C5'" 1 
ATOM   25  C "C4'" . DG  A 1 2  ? -4.356  -6.926  6.342   1.00 8.48  ? 2  DG  A "C4'" 1 
ATOM   26  O "O4'" . DG  A 1 2  ? -3.467  -5.837  5.996   1.00 8.03  ? 2  DG  A "O4'" 1 
ATOM   27  C "C3'" . DG  A 1 2  ? -5.024  -7.354  5.035   1.00 8.62  ? 2  DG  A "C3'" 1 
ATOM   28  O "O3'" . DG  A 1 2  ? -6.347  -6.855  5.047   1.00 10.17 ? 2  DG  A "O3'" 1 
ATOM   29  C "C2'" . DG  A 1 2  ? -4.175  -6.667  3.964   1.00 7.79  ? 2  DG  A "C2'" 1 
ATOM   30  C "C1'" . DG  A 1 2  ? -3.796  -5.392  4.701   1.00 7.30  ? 2  DG  A "C1'" 1 
ATOM   31  N N9    . DG  A 1 2  ? -2.657  -4.661  4.158   1.00 7.04  ? 2  DG  A N9    1 
ATOM   32  C C8    . DG  A 1 2  ? -1.422  -5.159  3.792   1.00 6.76  ? 2  DG  A C8    1 
ATOM   33  N N7    . DG  A 1 2  ? -0.596  -4.253  3.344   1.00 7.50  ? 2  DG  A N7    1 
ATOM   34  C C5    . DG  A 1 2  ? -1.337  -3.075  3.413   1.00 7.57  ? 2  DG  A C5    1 
ATOM   35  C C6    . DG  A 1 2  ? -0.991  -1.747  3.067   1.00 7.83  ? 2  DG  A C6    1 
ATOM   36  O O6    . DG  A 1 2  ? 0.080   -1.343  2.605   1.00 8.10  ? 2  DG  A O6    1 
ATOM   37  N N1    . DG  A 1 2  ? -2.025  -0.830  3.285   1.00 6.97  ? 2  DG  A N1    1 
ATOM   38  C C2    . DG  A 1 2  ? -3.267  -1.171  3.795   1.00 7.35  ? 2  DG  A C2    1 
ATOM   39  N N2    . DG  A 1 2  ? -4.173  -0.190  3.955   1.00 5.72  ? 2  DG  A N2    1 
ATOM   40  N N3    . DG  A 1 2  ? -3.600  -2.413  4.122   1.00 6.37  ? 2  DG  A N3    1 
ATOM   41  C C4    . DG  A 1 2  ? -2.602  -3.307  3.914   1.00 7.11  ? 2  DG  A C4    1 
ATOM   42  P P     . DG  A 1 3  ? -7.442  -7.300  3.981   1.00 11.57 ? 3  DG  A P     1 
ATOM   43  O OP1   . DG  A 1 3  ? -8.344  -8.221  4.688   1.00 12.31 ? 3  DG  A OP1   1 
ATOM   44  O OP2   . DG  A 1 3  ? -6.854  -7.732  2.701   1.00 12.35 ? 3  DG  A OP2   1 
ATOM   45  O "O5'" . DG  A 1 3  ? -8.154  -5.910  3.698   1.00 12.53 ? 3  DG  A "O5'" 1 
ATOM   46  C "C5'" . DG  A 1 3  ? -7.425  -4.786  3.244   1.00 10.57 ? 3  DG  A "C5'" 1 
ATOM   47  C "C4'" . DG  A 1 3  ? -8.434  -3.694  2.953   1.00 10.44 ? 3  DG  A "C4'" 1 
ATOM   48  O "O4'" . DG  A 1 3  ? -7.773  -2.405  2.826   1.00 10.58 ? 3  DG  A "O4'" 1 
ATOM   49  C "C3'" . DG  A 1 3  ? -9.247  -3.903  1.678   1.00 10.08 ? 3  DG  A "C3'" 1 
ATOM   50  O "O3'" . DG  A 1 3  ? -10.593 -3.471  1.906   1.00 10.04 ? 3  DG  A "O3'" 1 
ATOM   51  C "C2'" . DG  A 1 3  ? -8.516  -3.020  0.677   1.00 9.30  ? 3  DG  A "C2'" 1 
ATOM   52  C "C1'" . DG  A 1 3  ? -8.062  -1.859  1.557   1.00 9.17  ? 3  DG  A "C1'" 1 
ATOM   53  N N9    . DG  A 1 3  ? -6.852  -1.188  1.098   1.00 8.78  ? 3  DG  A N9    1 
ATOM   54  C C8    . DG  A 1 3  ? -6.715  0.159   0.864   1.00 7.75  ? 3  DG  A C8    1 
ATOM   55  N N7    . DG  A 1 3  ? -5.523  0.493   0.477   1.00 7.91  ? 3  DG  A N7    1 
ATOM   56  C C5    . DG  A 1 3  ? -4.831  -0.710  0.452   1.00 7.76  ? 3  DG  A C5    1 
ATOM   57  C C6    . DG  A 1 3  ? -3.492  -0.978  0.106   1.00 8.22  ? 3  DG  A C6    1 
ATOM   58  O O6    . DG  A 1 3  ? -2.638  -0.168  -0.259  1.00 9.48  ? 3  DG  A O6    1 
ATOM   59  N N1    . DG  A 1 3  ? -3.149  -2.328  0.207   1.00 8.34  ? 3  DG  A N1    1 
ATOM   60  C C2    . DG  A 1 3  ? -4.024  -3.313  0.601   1.00 8.10  ? 3  DG  A C2    1 
ATOM   61  N N2    . DG  A 1 3  ? -3.533  -4.552  0.653   1.00 7.81  ? 3  DG  A N2    1 
ATOM   62  N N3    . DG  A 1 3  ? -5.287  -3.081  0.932   1.00 8.46  ? 3  DG  A N3    1 
ATOM   63  C C4    . DG  A 1 3  ? -5.625  -1.760  0.833   1.00 8.16  ? 3  DG  A C4    1 
ATOM   64  P P     . DG  A 1 4  ? -11.783 -3.650  0.864   1.00 8.64  ? 4  DG  A P     1 
ATOM   65  O OP1   . DG  A 1 4  ? -13.037 -3.554  1.624   1.00 8.48  ? 4  DG  A OP1   1 
ATOM   66  O OP2   . DG  A 1 4  ? -11.531 -4.829  0.029   1.00 9.40  ? 4  DG  A OP2   1 
ATOM   67  O "O5'" . DG  A 1 4  ? -11.608 -2.369  -0.051  1.00 9.84  ? 4  DG  A "O5'" 1 
ATOM   68  C "C5'" . DG  A 1 4  ? -11.748 -1.053  0.498   1.00 9.44  ? 4  DG  A "C5'" 1 
ATOM   69  C "C4'" . DG  A 1 4  ? -11.356 -0.031  -0.552  1.00 9.16  ? 4  DG  A "C4'" 1 
ATOM   70  O "O4'" . DG  A 1 4  ? -9.930  -0.113  -0.765  1.00 6.91  ? 4  DG  A "O4'" 1 
ATOM   71  C "C3'" . DG  A 1 4  ? -11.994 -0.192  -1.939  1.00 9.79  ? 4  DG  A "C3'" 1 
ATOM   72  O "O3'" . DG  A 1 4  ? -12.498 1.079   -2.355  1.00 10.36 ? 4  DG  A "O3'" 1 
ATOM   73  C "C2'" . DG  A 1 4  ? -10.829 -0.651  -2.818  1.00 8.47  ? 4  DG  A "C2'" 1 
ATOM   74  C "C1'" . DG  A 1 4  ? -9.679  0.071   -2.141  1.00 6.99  ? 4  DG  A "C1'" 1 
ATOM   75  N N9    . DG  A 1 4  ? -8.356  -0.490  -2.373  1.00 5.99  ? 4  DG  A N9    1 
ATOM   76  C C8    . DG  A 1 4  ? -8.012  -1.813  -2.298  1.00 4.47  ? 4  DG  A C8    1 
ATOM   77  N N7    . DG  A 1 4  ? -6.755  -2.033  -2.513  1.00 4.78  ? 4  DG  A N7    1 
ATOM   78  C C5    . DG  A 1 4  ? -6.239  -0.768  -2.752  1.00 4.97  ? 4  DG  A C5    1 
ATOM   79  C C6    . DG  A 1 4  ? -4.925  -0.378  -3.055  1.00 4.76  ? 4  DG  A C6    1 
ATOM   80  O O6    . DG  A 1 4  ? -3.944  -1.119  -3.171  1.00 7.23  ? 4  DG  A O6    1 
ATOM   81  N N1    . DG  A 1 4  ? -4.781  1.004   -3.214  1.00 4.22  ? 4  DG  A N1    1 
ATOM   82  C C2    . DG  A 1 4  ? -5.809  1.904   -3.116  1.00 5.41  ? 4  DG  A C2    1 
ATOM   83  N N2    . DG  A 1 4  ? -5.490  3.190   -3.313  1.00 5.27  ? 4  DG  A N2    1 
ATOM   84  N N3    . DG  A 1 4  ? -7.062  1.550   -2.835  1.00 6.04  ? 4  DG  A N3    1 
ATOM   85  C C4    . DG  A 1 4  ? -7.203  0.203   -2.658  1.00 5.38  ? 4  DG  A C4    1 
ATOM   86  P P     . DT  A 1 5  ? -13.337 1.314   -3.685  1.00 11.18 ? 5  DT  A P     1 
ATOM   87  O OP1   . DT  A 1 5  ? -14.444 2.229   -3.360  1.00 12.59 ? 5  DT  A OP1   1 
ATOM   88  O OP2   . DT  A 1 5  ? -13.638 0.007   -4.318  1.00 12.56 ? 5  DT  A OP2   1 
ATOM   89  O "O5'" . DT  A 1 5  ? -12.293 2.057   -4.637  1.00 12.49 ? 5  DT  A "O5'" 1 
ATOM   90  C "C5'" . DT  A 1 5  ? -12.689 2.884   -5.730  1.00 12.43 ? 5  DT  A "C5'" 1 
ATOM   91  C "C4'" . DT  A 1 5  ? -11.535 3.791   -6.129  1.00 12.26 ? 5  DT  A "C4'" 1 
ATOM   92  O "O4'" . DT  A 1 5  ? -11.242 4.682   -5.032  1.00 12.76 ? 5  DT  A "O4'" 1 
ATOM   93  C "C3'" . DT  A 1 5  ? -10.217 3.080   -6.430  1.00 13.46 ? 5  DT  A "C3'" 1 
ATOM   94  O "O3'" . DT  A 1 5  ? -9.543  3.698   -7.538  1.00 13.30 ? 5  DT  A "O3'" 1 
ATOM   95  C "C2'" . DT  A 1 5  ? -9.415  3.174   -5.132  1.00 12.24 ? 5  DT  A "C2'" 1 
ATOM   96  C "C1'" . DT  A 1 5  ? -9.924  4.483   -4.532  1.00 12.54 ? 5  DT  A "C1'" 1 
ATOM   97  N N1    . DT  A 1 5  ? -9.930  4.445   -3.022  1.00 11.31 ? 5  DT  A N1    1 
ATOM   98  C C2    . DT  A 1 5  ? -8.791  4.784   -2.309  1.00 11.50 ? 5  DT  A C2    1 
ATOM   99  O O2    . DT  A 1 5  ? -7.745  5.142   -2.817  1.00 11.62 ? 5  DT  A O2    1 
ATOM   100 N N3    . DT  A 1 5  ? -8.925  4.699   -0.945  1.00 12.49 ? 5  DT  A N3    1 
ATOM   101 C C4    . DT  A 1 5  ? -10.055 4.319   -0.234  1.00 12.83 ? 5  DT  A C4    1 
ATOM   102 O O4    . DT  A 1 5  ? -10.065 4.283   0.991   1.00 12.84 ? 5  DT  A O4    1 
ATOM   103 C C5    . DT  A 1 5  ? -11.208 3.976   -1.043  1.00 12.32 ? 5  DT  A C5    1 
ATOM   104 C C7    . DT  A 1 5  ? -12.503 3.548   -0.418  1.00 12.93 ? 5  DT  A C7    1 
ATOM   105 C C6    . DT  A 1 5  ? -11.085 4.062   -2.369  1.00 11.21 ? 5  DT  A C6    1 
ATOM   106 P P     . DT  A 1 6  ? -8.580  2.846   -8.484  1.00 12.51 ? 6  DT  A P     1 
ATOM   107 O OP1   . DT  A 1 6  ? -8.140  3.708   -9.600  1.00 12.18 ? 6  DT  A OP1   1 
ATOM   108 O OP2   . DT  A 1 6  ? -9.239  1.558   -8.787  1.00 13.04 ? 6  DT  A OP2   1 
ATOM   109 O "O5'" . DT  A 1 6  ? -7.376  2.544   -7.478  1.00 12.13 ? 6  DT  A "O5'" 1 
ATOM   110 C "C5'" . DT  A 1 6  ? -6.233  3.385   -7.363  1.00 10.16 ? 6  DT  A "C5'" 1 
ATOM   111 C "C4'" . DT  A 1 6  ? -4.971  2.551   -7.412  1.00 8.82  ? 6  DT  A "C4'" 1 
ATOM   112 O "O4'" . DT  A 1 6  ? -4.981  1.635   -6.301  1.00 8.96  ? 6  DT  A "O4'" 1 
ATOM   113 C "C3'" . DT  A 1 6  ? -4.835  1.648   -8.628  1.00 9.15  ? 6  DT  A "C3'" 1 
ATOM   114 O "O3'" . DT  A 1 6  ? -4.218  2.423   -9.642  1.00 10.70 ? 6  DT  A "O3'" 1 
ATOM   115 C "C2'" . DT  A 1 6  ? -3.929  0.532   -8.113  1.00 7.69  ? 6  DT  A "C2'" 1 
ATOM   116 C "C1'" . DT  A 1 6  ? -4.333  0.424   -6.649  1.00 7.19  ? 6  DT  A "C1'" 1 
ATOM   117 N N1    . DT  A 1 6  ? -5.255  -0.740  -6.362  1.00 6.55  ? 6  DT  A N1    1 
ATOM   118 C C2    . DT  A 1 6  ? -4.711  -2.004  -6.215  1.00 5.56  ? 6  DT  A C2    1 
ATOM   119 O O2    . DT  A 1 6  ? -3.518  -2.236  -6.303  1.00 6.28  ? 6  DT  A O2    1 
ATOM   120 N N3    . DT  A 1 6  ? -5.623  -2.997  -5.964  1.00 4.01  ? 6  DT  A N3    1 
ATOM   121 C C4    . DT  A 1 6  ? -6.993  -2.861  -5.848  1.00 4.63  ? 6  DT  A C4    1 
ATOM   122 O O4    . DT  A 1 6  ? -7.715  -3.831  -5.623  1.00 6.11  ? 6  DT  A O4    1 
ATOM   123 C C5    . DT  A 1 6  ? -7.507  -1.518  -6.022  1.00 4.75  ? 6  DT  A C5    1 
ATOM   124 C C7    . DT  A 1 6  ? -8.984  -1.225  -5.927  1.00 5.42  ? 6  DT  A C7    1 
ATOM   125 C C6    . DT  A 1 6  ? -6.623  -0.539  -6.270  1.00 4.95  ? 6  DT  A C6    1 
ATOM   126 P P     . DT  A 1 7  ? -4.101  1.946   -11.150 1.00 11.04 ? 7  DT  A P     1 
ATOM   127 O OP1   . DT  A 1 7  ? -3.534  3.068   -11.930 1.00 12.27 ? 7  DT  A OP1   1 
ATOM   128 O OP2   . DT  A 1 7  ? -5.403  1.361   -11.532 1.00 9.54  ? 7  DT  A OP2   1 
ATOM   129 O "O5'" . DT  A 1 7  ? -2.995  0.799   -11.058 1.00 12.23 ? 7  DT  A "O5'" 1 
ATOM   130 C "C5'" . DT  A 1 7  ? -2.686  0.028   -12.192 1.00 13.51 ? 7  DT  A "C5'" 1 
ATOM   131 C "C4'" . DT  A 1 7  ? -1.558  -0.918  -11.845 1.00 13.92 ? 7  DT  A "C4'" 1 
ATOM   132 O "O4'" . DT  A 1 7  ? -2.038  -1.852  -10.841 1.00 13.40 ? 7  DT  A "O4'" 1 
ATOM   133 C "C3'" . DT  A 1 7  ? -1.056  -1.756  -13.019 1.00 14.26 ? 7  DT  A "C3'" 1 
ATOM   134 O "O3'" . DT  A 1 7  ? 0.364   -1.792  -13.038 1.00 15.77 ? 7  DT  A "O3'" 1 
ATOM   135 C "C2'" . DT  A 1 7  ? -1.646  -3.134  -12.735 1.00 12.81 ? 7  DT  A "C2'" 1 
ATOM   136 C "C1'" . DT  A 1 7  ? -1.616  -3.142  -11.213 1.00 11.95 ? 7  DT  A "C1'" 1 
ATOM   137 N N1    . DT  A 1 7  ? -2.506  -4.175  -10.626 1.00 10.92 ? 7  DT  A N1    1 
ATOM   138 C C2    . DT  A 1 7  ? -2.019  -5.470  -10.519 1.00 10.65 ? 7  DT  A C2    1 
ATOM   139 O O2    . DT  A 1 7  ? -0.898  -5.804  -10.863 1.00 10.10 ? 7  DT  A O2    1 
ATOM   140 N N3    . DT  A 1 7  ? -2.904  -6.377  -9.980  1.00 10.52 ? 7  DT  A N3    1 
ATOM   141 C C4    . DT  A 1 7  ? -4.194  -6.111  -9.558  1.00 10.06 ? 7  DT  A C4    1 
ATOM   142 O O4    . DT  A 1 7  ? -4.876  -7.005  -9.095  1.00 9.97  ? 7  DT  A O4    1 
ATOM   143 C C5    . DT  A 1 7  ? -4.649  -4.734  -9.703  1.00 10.33 ? 7  DT  A C5    1 
ATOM   144 C C7    . DT  A 1 7  ? -6.026  -4.314  -9.286  1.00 9.82  ? 7  DT  A C7    1 
ATOM   145 C C6    . DT  A 1 7  ? -3.792  -3.843  -10.229 1.00 10.24 ? 7  DT  A C6    1 
ATOM   146 P P     . DT  A 1 8  ? 1.216   -0.914  -14.064 1.00 15.95 ? 8  DT  A P     1 
ATOM   147 O OP1   . DT  A 1 8  ? 1.200   0.485   -13.598 1.00 18.09 ? 8  DT  A OP1   1 
ATOM   148 O OP2   . DT  A 1 8  ? 0.791   -1.224  -15.434 1.00 17.14 ? 8  DT  A OP2   1 
ATOM   149 O "O5'" . DT  A 1 8  ? 2.671   -1.499  -13.844 1.00 17.04 ? 8  DT  A "O5'" 1 
ATOM   150 C "C5'" . DT  A 1 8  ? 2.946   -2.871  -14.077 1.00 17.91 ? 8  DT  A "C5'" 1 
ATOM   151 C "C4'" . DT  A 1 8  ? 4.354   -3.156  -13.590 1.00 18.41 ? 8  DT  A "C4'" 1 
ATOM   152 O "O4'" . DT  A 1 8  ? 5.275   -2.204  -14.180 1.00 18.80 ? 8  DT  A "O4'" 1 
ATOM   153 C "C3'" . DT  A 1 8  ? 4.563   -3.057  -12.084 1.00 18.62 ? 8  DT  A "C3'" 1 
ATOM   154 O "O3'" . DT  A 1 8  ? 5.466   -4.094  -11.675 1.00 18.83 ? 8  DT  A "O3'" 1 
ATOM   155 C "C2'" . DT  A 1 8  ? 5.171   -1.669  -11.898 1.00 18.51 ? 8  DT  A "C2'" 1 
ATOM   156 C "C1'" . DT  A 1 8  ? 5.981   -1.507  -13.176 1.00 18.16 ? 8  DT  A "C1'" 1 
ATOM   157 N N1    . DT  A 1 8  ? 6.179   -0.091  -13.641 1.00 18.20 ? 8  DT  A N1    1 
ATOM   158 C C2    . DT  A 1 8  ? 7.414   0.494   -13.447 1.00 17.95 ? 8  DT  A C2    1 
ATOM   159 O O2    . DT  A 1 8  ? 8.349   -0.065  -12.904 1.00 18.33 ? 8  DT  A O2    1 
ATOM   160 N N3    . DT  A 1 8  ? 7.517   1.777   -13.915 1.00 17.84 ? 8  DT  A N3    1 
ATOM   161 C C4    . DT  A 1 8  ? 6.545   2.528   -14.541 1.00 17.65 ? 8  DT  A C4    1 
ATOM   162 O O4    . DT  A 1 8  ? 6.770   3.676   -14.908 1.00 18.24 ? 8  DT  A O4    1 
ATOM   163 C C5    . DT  A 1 8  ? 5.275   1.867   -14.728 1.00 17.88 ? 8  DT  A C5    1 
ATOM   164 C C7    . DT  A 1 8  ? 4.139   2.583   -15.402 1.00 17.95 ? 8  DT  A C7    1 
ATOM   165 C C6    . DT  A 1 8  ? 5.158   0.604   -14.277 1.00 18.07 ? 8  DT  A C6    1 
ATOM   166 P P     . DG  A 1 9  ? 4.942   -5.458  -11.015 1.00 18.23 ? 9  DG  A P     1 
ATOM   167 O OP1   . DG  A 1 9  ? 6.090   -6.398  -11.028 1.00 17.50 ? 9  DG  A OP1   1 
ATOM   168 O OP2   . DG  A 1 9  ? 3.665   -5.831  -11.659 1.00 17.93 ? 9  DG  A OP2   1 
ATOM   169 O "O5'" . DG  A 1 9  ? 4.589   -5.019  -9.509  1.00 16.38 ? 9  DG  A "O5'" 1 
ATOM   170 C "C5'" . DG  A 1 9  ? 5.591   -4.868  -8.493  1.00 13.47 ? 9  DG  A "C5'" 1 
ATOM   171 C "C4'" . DG  A 1 9  ? 6.362   -3.554  -8.588  1.00 11.72 ? 9  DG  A "C4'" 1 
ATOM   172 O "O4'" . DG  A 1 9  ? 5.474   -2.402  -8.610  1.00 11.12 ? 9  DG  A "O4'" 1 
ATOM   173 C "C3'" . DG  A 1 9  ? 7.321   -3.310  -7.435  1.00 11.87 ? 9  DG  A "C3'" 1 
ATOM   174 O "O3'" . DG  A 1 9  ? 8.489   -2.648  -7.914  1.00 13.18 ? 9  DG  A "O3'" 1 
ATOM   175 C "C2'" . DG  A 1 9  ? 6.491   -2.429  -6.508  1.00 11.55 ? 9  DG  A "C2'" 1 
ATOM   176 C "C1'" . DG  A 1 9  ? 5.742   -1.561  -7.509  1.00 10.47 ? 9  DG  A "C1'" 1 
ATOM   177 N N9    . DG  A 1 9  ? 4.501   -0.996  -6.974  1.00 10.56 ? 9  DG  A N9    1 
ATOM   178 C C8    . DG  A 1 9  ? 4.130   0.332   -7.010  1.00 9.23  ? 9  DG  A C8    1 
ATOM   179 N N7    . DG  A 1 9  ? 2.975   0.560   -6.466  1.00 8.55  ? 9  DG  A N7    1 
ATOM   180 C C5    . DG  A 1 9  ? 2.558   -0.689  -6.027  1.00 8.46  ? 9  DG  A C5    1 
ATOM   181 C C6    . DG  A 1 9  ? 1.374   -1.082  -5.351  1.00 9.08  ? 9  DG  A C6    1 
ATOM   182 O O6    . DG  A 1 9  ? 0.431   -0.360  -4.996  1.00 9.59  ? 9  DG  A O6    1 
ATOM   183 N N1    . DG  A 1 9  ? 1.318   -2.458  -5.091  1.00 7.58  ? 9  DG  A N1    1 
ATOM   184 C C2    . DG  A 1 9  ? 2.301   -3.355  -5.438  1.00 7.95  ? 9  DG  A C2    1 
ATOM   185 N N2    . DG  A 1 9  ? 2.110   -4.650  -5.127  1.00 8.17  ? 9  DG  A N2    1 
ATOM   186 N N3    . DG  A 1 9  ? 3.411   -2.993  -6.065  1.00 9.47  ? 9  DG  A N3    1 
ATOM   187 C C4    . DG  A 1 9  ? 3.480   -1.657  -6.327  1.00 8.86  ? 9  DG  A C4    1 
ATOM   188 P P     . DG  A 1 10 ? 9.677   -2.166  -6.954  1.00 13.19 ? 10 DG  A P     1 
ATOM   189 O OP1   . DG  A 1 10 ? 10.834  -1.857  -7.818  1.00 14.93 ? 10 DG  A OP1   1 
ATOM   190 O OP2   . DG  A 1 10 ? 9.805   -3.144  -5.861  1.00 12.83 ? 10 DG  A OP2   1 
ATOM   191 O "O5'" . DG  A 1 10 ? 9.184   -0.774  -6.335  1.00 14.06 ? 10 DG  A "O5'" 1 
ATOM   192 C "C5'" . DG  A 1 10 ? 8.969   0.382   -7.138  1.00 13.75 ? 10 DG  A "C5'" 1 
ATOM   193 C "C4'" . DG  A 1 10 ? 8.319   1.497   -6.330  1.00 14.07 ? 10 DG  A "C4'" 1 
ATOM   194 O "O4'" . DG  A 1 10 ? 6.978   1.137   -5.892  1.00 13.69 ? 10 DG  A "O4'" 1 
ATOM   195 C "C3'" . DG  A 1 10 ? 9.064   1.907   -5.065  1.00 15.25 ? 10 DG  A "C3'" 1 
ATOM   196 O "O3'" . DG  A 1 10 ? 9.047   3.319   -5.063  1.00 18.58 ? 10 DG  A "O3'" 1 
ATOM   197 C "C2'" . DG  A 1 10 ? 8.204   1.320   -3.947  1.00 14.58 ? 10 DG  A "C2'" 1 
ATOM   198 C "C1'" . DG  A 1 10 ? 6.829   1.555   -4.551  1.00 12.70 ? 10 DG  A "C1'" 1 
ATOM   199 N N9    . DG  A 1 10 ? 5.720   0.840   -3.922  1.00 11.36 ? 10 DG  A N9    1 
ATOM   200 C C8    . DG  A 1 10 ? 5.660   -0.497  -3.611  1.00 9.63  ? 10 DG  A C8    1 
ATOM   201 N N7    . DG  A 1 10 ? 4.529   -0.844  -3.068  1.00 9.53  ? 10 DG  A N7    1 
ATOM   202 C C5    . DG  A 1 10 ? 3.798   0.336   -3.007  1.00 9.98  ? 10 DG  A C5    1 
ATOM   203 C C6    . DG  A 1 10 ? 2.490   0.594   -2.516  1.00 8.96  ? 10 DG  A C6    1 
ATOM   204 O O6    . DG  A 1 10 ? 1.699   -0.211  -2.017  1.00 10.76 ? 10 DG  A O6    1 
ATOM   205 N N1    . DG  A 1 10 ? 2.098   1.928   -2.628  1.00 8.04  ? 10 DG  A N1    1 
ATOM   206 C C2    . DG  A 1 10 ? 2.889   2.913   -3.177  1.00 8.78  ? 10 DG  A C2    1 
ATOM   207 N N2    . DG  A 1 10 ? 2.372   4.152   -3.228  1.00 8.44  ? 10 DG  A N2    1 
ATOM   208 N N3    . DG  A 1 10 ? 4.111   2.683   -3.648  1.00 9.49  ? 10 DG  A N3    1 
ATOM   209 C C4    . DG  A 1 10 ? 4.512   1.385   -3.533  1.00 9.99  ? 10 DG  A C4    1 
ATOM   210 P P     . DG  A 1 11 ? 9.839   4.201   -3.987  1.00 20.13 ? 11 DG  A P     1 
ATOM   211 O OP1   . DG  A 1 11 ? 11.029  4.773   -4.646  1.00 21.95 ? 11 DG  A OP1   1 
ATOM   212 O OP2   . DG  A 1 11 ? 10.023  3.461   -2.720  1.00 21.71 ? 11 DG  A OP2   1 
ATOM   213 O "O5'" . DG  A 1 11 ? 8.752   5.330   -3.779  1.00 18.25 ? 11 DG  A "O5'" 1 
ATOM   214 C "C5'" . DG  A 1 11 ? 7.578   5.099   -2.997  1.00 15.55 ? 11 DG  A "C5'" 1 
ATOM   215 C "C4'" . DG  A 1 11 ? 7.177   6.464   -2.479  1.00 13.68 ? 11 DG  A "C4'" 1 
ATOM   216 O "O4'" . DG  A 1 11 ? 5.770   6.545   -2.152  1.00 13.66 ? 11 DG  A "O4'" 1 
ATOM   217 C "C3'" . DG  A 1 11 ? 7.928   6.910   -1.233  1.00 12.99 ? 11 DG  A "C3'" 1 
ATOM   218 O "O3'" . DG  A 1 11 ? 8.083   8.320   -1.366  1.00 14.21 ? 11 DG  A "O3'" 1 
ATOM   219 C "C2'" . DG  A 1 11 ? 6.965   6.513   -0.123  1.00 11.06 ? 11 DG  A "C2'" 1 
ATOM   220 C "C1'" . DG  A 1 11 ? 5.617   6.822   -0.771  1.00 9.93  ? 11 DG  A "C1'" 1 
ATOM   221 N N9    . DG  A 1 11 ? 4.507   6.006   -0.303  1.00 7.86  ? 11 DG  A N9    1 
ATOM   222 C C8    . DG  A 1 11 ? 3.267   6.474   0.038   1.00 6.47  ? 11 DG  A C8    1 
ATOM   223 N N7    . DG  A 1 11 ? 2.456   5.539   0.421   1.00 7.22  ? 11 DG  A N7    1 
ATOM   224 C C5    . DG  A 1 11 ? 3.200   4.376   0.314   1.00 7.02  ? 11 DG  A C5    1 
ATOM   225 C C6    . DG  A 1 11 ? 2.841   3.035   0.587   1.00 7.23  ? 11 DG  A C6    1 
ATOM   226 O O6    . DG  A 1 11 ? 1.752   2.622   0.999   1.00 9.28  ? 11 DG  A O6    1 
ATOM   227 N N1    . DG  A 1 11 ? 3.872   2.117   0.366   1.00 5.58  ? 11 DG  A N1    1 
ATOM   228 C C2    . DG  A 1 11 ? 5.118   2.476   -0.086  1.00 5.93  ? 11 DG  A C2    1 
ATOM   229 N N2    . DG  A 1 11 ? 5.995   1.482   -0.251  1.00 6.30  ? 11 DG  A N2    1 
ATOM   230 N N3    . DG  A 1 11 ? 5.474   3.730   -0.351  1.00 6.08  ? 11 DG  A N3    1 
ATOM   231 C C4    . DG  A 1 11 ? 4.473   4.635   -0.132  1.00 7.15  ? 11 DG  A C4    1 
ATOM   232 P P     . DG  A 1 12 ? 8.941   9.246   -0.381  1.00 14.49 ? 12 DG  A P     1 
ATOM   233 O OP1   . DG  A 1 12 ? 9.289   10.463  -1.157  1.00 15.64 ? 12 DG  A OP1   1 
ATOM   234 O OP2   . DG  A 1 12 ? 9.985   8.425   0.272   1.00 13.80 ? 12 DG  A OP2   1 
ATOM   235 O "O5'" . DG  A 1 12 ? 7.887   9.640   0.759   1.00 13.22 ? 12 DG  A "O5'" 1 
ATOM   236 C "C5'" . DG  A 1 12 ? 6.668   10.330  0.495   1.00 12.04 ? 12 DG  A "C5'" 1 
ATOM   237 C "C4'" . DG  A 1 12 ? 5.776   10.369  1.732   1.00 11.58 ? 12 DG  A "C4'" 1 
ATOM   238 O "O4'" . DG  A 1 12 ? 5.133   9.081   1.929   1.00 10.43 ? 12 DG  A "O4'" 1 
ATOM   239 C "C3'" . DG  A 1 12 ? 6.450   10.684  3.066   1.00 10.68 ? 12 DG  A "C3'" 1 
ATOM   240 O "O3'" . DG  A 1 12 ? 5.655   11.621  3.755   1.00 11.95 ? 12 DG  A "O3'" 1 
ATOM   241 C "C2'" . DG  A 1 12 ? 6.419   9.360   3.820   1.00 10.43 ? 12 DG  A "C2'" 1 
ATOM   242 C "C1'" . DG  A 1 12 ? 5.093   8.807   3.306   1.00 10.63 ? 12 DG  A "C1'" 1 
ATOM   243 N N9    . DG  A 1 12 ? 4.912   7.361   3.393   1.00 9.70  ? 12 DG  A N9    1 
ATOM   244 C C8    . DG  A 1 12 ? 5.867   6.416   3.113   1.00 9.09  ? 12 DG  A C8    1 
ATOM   245 N N7    . DG  A 1 12 ? 5.453   5.200   3.255   1.00 9.06  ? 12 DG  A N7    1 
ATOM   246 C C5    . DG  A 1 12 ? 4.137   5.351   3.638   1.00 8.30  ? 12 DG  A C5    1 
ATOM   247 C C6    . DG  A 1 12 ? 3.184   4.364   3.923   1.00 8.57  ? 12 DG  A C6    1 
ATOM   248 O O6    . DG  A 1 12 ? 3.348   3.144   3.880   1.00 10.69 ? 12 DG  A O6    1 
ATOM   249 N N1    . DG  A 1 12 ? 1.951   4.875   4.299   1.00 7.66  ? 12 DG  A N1    1 
ATOM   250 C C2    . DG  A 1 12 ? 1.668   6.217   4.376   1.00 8.00  ? 12 DG  A C2    1 
ATOM   251 N N2    . DG  A 1 12 ? 0.418   6.527   4.752   1.00 7.65  ? 12 DG  A N2    1 
ATOM   252 N N3    . DG  A 1 12 ? 2.563   7.169   4.102   1.00 8.67  ? 12 DG  A N3    1 
ATOM   253 C C4    . DG  A 1 12 ? 3.775   6.668   3.734   1.00 8.58  ? 12 DG  A C4    1 
ATOM   254 O "O5'" . DG  B 1 1  ? 1.748   6.657   -7.418  1.00 12.13 ? 13 DG  B "O5'" 1 
ATOM   255 C "C5'" . DG  B 1 1  ? 1.077   7.616   -8.245  1.00 10.83 ? 13 DG  B "C5'" 1 
ATOM   256 C "C4'" . DG  B 1 1  ? -0.041  8.329   -7.498  1.00 9.89  ? 13 DG  B "C4'" 1 
ATOM   257 O "O4'" . DG  B 1 1  ? -1.159  7.419   -7.324  1.00 10.64 ? 13 DG  B "O4'" 1 
ATOM   258 C "C3'" . DG  B 1 1  ? 0.292   8.870   -6.104  1.00 9.59  ? 13 DG  B "C3'" 1 
ATOM   259 O "O3'" . DG  B 1 1  ? -0.374  10.118  -5.903  1.00 9.31  ? 13 DG  B "O3'" 1 
ATOM   260 C "C2'" . DG  B 1 1  ? -0.274  7.796   -5.189  1.00 8.16  ? 13 DG  B "C2'" 1 
ATOM   261 C "C1'" . DG  B 1 1  ? -1.517  7.365   -5.960  1.00 9.11  ? 13 DG  B "C1'" 1 
ATOM   262 N N9    . DG  B 1 1  ? -1.945  6.035   -5.523  1.00 8.65  ? 13 DG  B N9    1 
ATOM   263 C C8    . DG  B 1 1  ? -3.153  5.731   -4.941  1.00 7.50  ? 13 DG  B C8    1 
ATOM   264 N N7    . DG  B 1 1  ? -3.266  4.481   -4.601  1.00 7.62  ? 13 DG  B N7    1 
ATOM   265 C C5    . DG  B 1 1  ? -2.045  3.917   -4.969  1.00 8.22  ? 13 DG  B C5    1 
ATOM   266 C C6    . DG  B 1 1  ? -1.571  2.586   -4.847  1.00 8.31  ? 13 DG  B C6    1 
ATOM   267 O O6    . DG  B 1 1  ? -2.161  1.608   -4.369  1.00 10.04 ? 13 DG  B O6    1 
ATOM   268 N N1    . DG  B 1 1  ? -0.277  2.413   -5.328  1.00 7.68  ? 13 DG  B N1    1 
ATOM   269 C C2    . DG  B 1 1  ? 0.481   3.423   -5.874  1.00 8.78  ? 13 DG  B C2    1 
ATOM   270 N N2    . DG  B 1 1  ? 1.709   3.091   -6.301  1.00 8.33  ? 13 DG  B N2    1 
ATOM   271 N N3    . DG  B 1 1  ? 0.056   4.678   -5.988  1.00 8.62  ? 13 DG  B N3    1 
ATOM   272 C C4    . DG  B 1 1  ? -1.212  4.860   -5.526  1.00 7.98  ? 13 DG  B C4    1 
ATOM   273 P P     . DG  B 1 2  ? -0.133  11.081  -4.654  1.00 9.24  ? 14 DG  B P     1 
ATOM   274 O OP1   . DG  B 1 2  ? -0.643  12.394  -5.064  1.00 10.54 ? 14 DG  B OP1   1 
ATOM   275 O OP2   . DG  B 1 2  ? 1.225   10.910  -4.105  1.00 10.29 ? 14 DG  B OP2   1 
ATOM   276 O "O5'" . DG  B 1 2  ? -1.096  10.548  -3.506  1.00 11.05 ? 14 DG  B "O5'" 1 
ATOM   277 C "C5'" . DG  B 1 2  ? -2.517  10.567  -3.648  1.00 9.64  ? 14 DG  B "C5'" 1 
ATOM   278 C "C4'" . DG  B 1 2  ? -3.131  9.770   -2.521  1.00 8.46  ? 14 DG  B "C4'" 1 
ATOM   279 O "O4'" . DG  B 1 2  ? -2.851  8.359   -2.713  1.00 8.71  ? 14 DG  B "O4'" 1 
ATOM   280 C "C3'" . DG  B 1 2  ? -2.580  10.125  -1.141  1.00 8.22  ? 14 DG  B "C3'" 1 
ATOM   281 O "O3'" . DG  B 1 2  ? -3.693  10.224  -0.283  1.00 8.14  ? 14 DG  B "O3'" 1 
ATOM   282 C "C2'" . DG  B 1 2  ? -1.688  8.931   -0.796  1.00 7.53  ? 14 DG  B "C2'" 1 
ATOM   283 C "C1'" . DG  B 1 2  ? -2.494  7.820   -1.457  1.00 7.82  ? 14 DG  B "C1'" 1 
ATOM   284 N N9    . DG  B 1 2  ? -1.790  6.549   -1.603  1.00 7.22  ? 14 DG  B N9    1 
ATOM   285 C C8    . DG  B 1 2  ? -0.519  6.347   -2.087  1.00 6.47  ? 14 DG  B C8    1 
ATOM   286 N N7    . DG  B 1 2  ? -0.153  5.097   -2.086  1.00 5.76  ? 14 DG  B N7    1 
ATOM   287 C C5    . DG  B 1 2  ? -1.252  4.437   -1.566  1.00 5.70  ? 14 DG  B C5    1 
ATOM   288 C C6    . DG  B 1 2  ? -1.452  3.068   -1.315  1.00 6.35  ? 14 DG  B C6    1 
ATOM   289 O O6    . DG  B 1 2  ? -0.664  2.139   -1.522  1.00 7.73  ? 14 DG  B O6    1 
ATOM   290 N N1    . DG  B 1 2  ? -2.699  2.782   -0.762  1.00 6.14  ? 14 DG  B N1    1 
ATOM   291 C C2    . DG  B 1 2  ? -3.658  3.724   -0.489  1.00 6.43  ? 14 DG  B C2    1 
ATOM   292 N N2    . DG  B 1 2  ? -4.809  3.282   0.042   1.00 5.60  ? 14 DG  B N2    1 
ATOM   293 N N3    . DG  B 1 2  ? -3.481  5.018   -0.722  1.00 7.43  ? 14 DG  B N3    1 
ATOM   294 C C4    . DG  B 1 2  ? -2.265  5.306   -1.257  1.00 6.34  ? 14 DG  B C4    1 
ATOM   295 P P     . DG  B 1 3  ? -3.660  10.869  1.174   1.00 8.50  ? 15 DG  B P     1 
ATOM   296 O OP1   . DG  B 1 3  ? -4.271  12.198  1.075   1.00 9.61  ? 15 DG  B OP1   1 
ATOM   297 O OP2   . DG  B 1 3  ? -2.333  10.701  1.801   1.00 9.20  ? 15 DG  B OP2   1 
ATOM   298 O "O5'" . DG  B 1 3  ? -4.703  9.931   1.927   1.00 9.38  ? 15 DG  B "O5'" 1 
ATOM   299 C "C5'" . DG  B 1 3  ? -4.469  8.538   2.025   1.00 9.66  ? 15 DG  B "C5'" 1 
ATOM   300 C "C4'" . DG  B 1 3  ? -5.365  7.947   3.092   1.00 9.58  ? 15 DG  B "C4'" 1 
ATOM   301 O "O4'" . DG  B 1 3  ? -5.304  6.505   3.032   1.00 9.50  ? 15 DG  B "O4'" 1 
ATOM   302 C "C3'" . DG  B 1 3  ? -5.005  8.285   4.530   1.00 9.88  ? 15 DG  B "C3'" 1 
ATOM   303 O "O3'" . DG  B 1 3  ? -6.227  8.294   5.250   1.00 10.71 ? 15 DG  B "O3'" 1 
ATOM   304 C "C2'" . DG  B 1 3  ? -4.122  7.111   4.945   1.00 8.85  ? 15 DG  B "C2'" 1 
ATOM   305 C "C1'" . DG  B 1 3  ? -4.873  5.970   4.265   1.00 8.96  ? 15 DG  B "C1'" 1 
ATOM   306 N N9    . DG  B 1 3  ? -4.112  4.757   3.946   1.00 9.00  ? 15 DG  B N9    1 
ATOM   307 C C8    . DG  B 1 3  ? -4.482  3.469   4.259   1.00 7.91  ? 15 DG  B C8    1 
ATOM   308 N N7    . DG  B 1 3  ? -3.637  2.575   3.830   1.00 8.61  ? 15 DG  B N7    1 
ATOM   309 C C5    . DG  B 1 3  ? -2.653  3.314   3.186   1.00 8.02  ? 15 DG  B C5    1 
ATOM   310 C C6    . DG  B 1 3  ? -1.475  2.906   2.527   1.00 6.95  ? 15 DG  B C6    1 
ATOM   311 O O6    . DG  B 1 3  ? -1.039  1.769   2.365   1.00 8.07  ? 15 DG  B O6    1 
ATOM   312 N N1    . DG  B 1 3  ? -0.733  3.958   2.007   1.00 7.34  ? 15 DG  B N1    1 
ATOM   313 C C2    . DG  B 1 3  ? -1.078  5.285   2.093   1.00 7.54  ? 15 DG  B C2    1 
ATOM   314 N N2    . DG  B 1 3  ? -0.238  6.168   1.516   1.00 7.89  ? 15 DG  B N2    1 
ATOM   315 N N3    . DG  B 1 3  ? -2.177  5.690   2.707   1.00 8.81  ? 15 DG  B N3    1 
ATOM   316 C C4    . DG  B 1 3  ? -2.921  4.663   3.238   1.00 8.92  ? 15 DG  B C4    1 
ATOM   317 P P     . DG  B 1 4  ? -6.335  8.879   6.723   1.00 10.45 ? 16 DG  B P     1 
ATOM   318 O OP1   . DG  B 1 4  ? -7.716  9.377   6.888   1.00 10.90 ? 16 DG  B OP1   1 
ATOM   319 O OP2   . DG  B 1 4  ? -5.169  9.755   6.954   1.00 10.22 ? 16 DG  B OP2   1 
ATOM   320 O "O5'" . DG  B 1 4  ? -6.131  7.593   7.644   1.00 10.55 ? 16 DG  B "O5'" 1 
ATOM   321 C "C5'" . DG  B 1 4  ? -7.113  6.576   7.794   1.00 10.12 ? 16 DG  B "C5'" 1 
ATOM   322 C "C4'" . DG  B 1 4  ? -6.463  5.385   8.478   1.00 9.65  ? 16 DG  B "C4'" 1 
ATOM   323 O "O4'" . DG  B 1 4  ? -5.421  4.889   7.612   1.00 9.44  ? 16 DG  B "O4'" 1 
ATOM   324 C "C3'" . DG  B 1 4  ? -5.775  5.667   9.818   1.00 10.59 ? 16 DG  B "C3'" 1 
ATOM   325 O "O3'" . DG  B 1 4  ? -6.123  4.617   10.744  1.00 12.09 ? 16 DG  B "O3'" 1 
ATOM   326 C "C2'" . DG  B 1 4  ? -4.295  5.672   9.435   1.00 8.55  ? 16 DG  B "C2'" 1 
ATOM   327 C "C1'" . DG  B 1 4  ? -4.321  4.546   8.413   1.00 8.22  ? 16 DG  B "C1'" 1 
ATOM   328 N N9    . DG  B 1 4  ? -3.113  4.376   7.605   1.00 6.78  ? 16 DG  B N9    1 
ATOM   329 C C8    . DG  B 1 4  ? -2.266  5.363   7.154   1.00 6.35  ? 16 DG  B C8    1 
ATOM   330 N N7    . DG  B 1 4  ? -1.262  4.920   6.461   1.00 6.40  ? 16 DG  B N7    1 
ATOM   331 C C5    . DG  B 1 4  ? -1.444  3.542   6.457   1.00 6.57  ? 16 DG  B C5    1 
ATOM   332 C C6    . DG  B 1 4  ? -0.668  2.511   5.868   1.00 6.79  ? 16 DG  B C6    1 
ATOM   333 O O6    . DG  B 1 4  ? 0.379   2.601   5.205   1.00 7.64  ? 16 DG  B O6    1 
ATOM   334 N N1    . DG  B 1 4  ? -1.188  1.239   6.103   1.00 7.06  ? 16 DG  B N1    1 
ATOM   335 C C2    . DG  B 1 4  ? -2.337  0.996   6.815   1.00 6.14  ? 16 DG  B C2    1 
ATOM   336 N N2    . DG  B 1 4  ? -2.694  -0.282  6.934   1.00 5.87  ? 16 DG  B N2    1 
ATOM   337 N N3    . DG  B 1 4  ? -3.072  1.947   7.373   1.00 6.92  ? 16 DG  B N3    1 
ATOM   338 C C4    . DG  B 1 4  ? -2.576  3.193   7.160   1.00 6.50  ? 16 DG  B C4    1 
ATOM   339 P P     . DT  B 1 5  ? -5.717  4.572   12.297  1.00 12.88 ? 17 DT  B P     1 
ATOM   340 O OP1   . DT  B 1 5  ? -6.786  3.813   12.972  1.00 13.20 ? 17 DT  B OP1   1 
ATOM   341 O OP2   . DT  B 1 5  ? -5.338  5.915   12.774  1.00 12.31 ? 17 DT  B OP2   1 
ATOM   342 O "O5'" . DT  B 1 5  ? -4.392  3.684   12.315  1.00 11.37 ? 17 DT  B "O5'" 1 
ATOM   343 C "C5'" . DT  B 1 5  ? -4.344  2.427   11.676  1.00 10.56 ? 17 DT  B "C5'" 1 
ATOM   344 C "C4'" . DT  B 1 5  ? -2.904  2.016   11.478  1.00 9.79  ? 17 DT  B "C4'" 1 
ATOM   345 O "O4'" . DT  B 1 5  ? -2.327  2.834   10.448  1.00 10.90 ? 17 DT  B "O4'" 1 
ATOM   346 C "C3'" . DT  B 1 5  ? -1.971  2.218   12.666  1.00 10.12 ? 17 DT  B "C3'" 1 
ATOM   347 O "O3'" . DT  B 1 5  ? -2.026  1.021   13.443  1.00 9.84  ? 17 DT  B "O3'" 1 
ATOM   348 C "C2'" . DT  B 1 5  ? -0.615  2.433   11.994  1.00 9.73  ? 17 DT  B "C2'" 1 
ATOM   349 C "C1'" . DT  B 1 5  ? -0.938  2.645   10.516  1.00 9.84  ? 17 DT  B "C1'" 1 
ATOM   350 N N1    . DT  B 1 5  ? -0.218  3.823   9.933   1.00 9.60  ? 17 DT  B N1    1 
ATOM   351 C C2    . DT  B 1 5  ? 0.789   3.602   9.014   1.00 8.54  ? 17 DT  B C2    1 
ATOM   352 O O2    . DT  B 1 5  ? 1.130   2.495   8.618   1.00 8.01  ? 17 DT  B O2    1 
ATOM   353 N N3    . DT  B 1 5  ? 1.403   4.739   8.550   1.00 8.45  ? 17 DT  B N3    1 
ATOM   354 C C4    . DT  B 1 5  ? 1.122   6.042   8.910   1.00 9.05  ? 17 DT  B C4    1 
ATOM   355 O O4    . DT  B 1 5  ? 1.750   6.977   8.431   1.00 9.39  ? 17 DT  B O4    1 
ATOM   356 C C5    . DT  B 1 5  ? 0.057   6.211   9.883   1.00 9.37  ? 17 DT  B C5    1 
ATOM   357 C C7    . DT  B 1 5  ? -0.348  7.578   10.364  1.00 8.47  ? 17 DT  B C7    1 
ATOM   358 C C6    . DT  B 1 5  ? -0.552  5.106   10.344  1.00 8.91  ? 17 DT  B C6    1 
ATOM   359 P P     . DT  B 1 6  ? -1.157  0.710   14.739  1.00 9.86  ? 18 DT  B P     1 
ATOM   360 O OP1   . DT  B 1 6  ? -1.859  -0.371  15.449  1.00 10.90 ? 18 DT  B OP1   1 
ATOM   361 O OP2   . DT  B 1 6  ? -0.860  1.977   15.435  1.00 10.85 ? 18 DT  B OP2   1 
ATOM   362 O "O5'" . DT  B 1 6  ? 0.241   0.143   14.209  1.00 9.31  ? 18 DT  B "O5'" 1 
ATOM   363 C "C5'" . DT  B 1 6  ? 0.367   -1.020  13.408  1.00 9.44  ? 18 DT  B "C5'" 1 
ATOM   364 C "C4'" . DT  B 1 6  ? 1.784   -1.125  12.867  1.00 9.35  ? 18 DT  B "C4'" 1 
ATOM   365 O "O4'" . DT  B 1 6  ? 2.103   0.023   12.041  1.00 9.70  ? 18 DT  B "O4'" 1 
ATOM   366 C "C3'" . DT  B 1 6  ? 2.899   -1.201  13.911  1.00 10.02 ? 18 DT  B "C3'" 1 
ATOM   367 O "O3'" . DT  B 1 6  ? 3.960   -2.063  13.498  1.00 9.70  ? 18 DT  B "O3'" 1 
ATOM   368 C "C2'" . DT  B 1 6  ? 3.414   0.235   13.964  1.00 9.34  ? 18 DT  B "C2'" 1 
ATOM   369 C "C1'" . DT  B 1 6  ? 3.330   0.573   12.481  1.00 9.04  ? 18 DT  B "C1'" 1 
ATOM   370 N N1    . DT  B 1 6  ? 3.350   2.026   12.167  1.00 9.15  ? 18 DT  B N1    1 
ATOM   371 C C2    . DT  B 1 6  ? 4.128   2.465   11.118  1.00 9.72  ? 18 DT  B C2    1 
ATOM   372 O O2    . DT  B 1 6  ? 4.801   1.728   10.432  1.00 10.57 ? 18 DT  B O2    1 
ATOM   373 N N3    . DT  B 1 6  ? 4.091   3.819   10.892  1.00 10.26 ? 18 DT  B N3    1 
ATOM   374 C C4    . DT  B 1 6  ? 3.364   4.756   11.609  1.00 11.05 ? 18 DT  B C4    1 
ATOM   375 O O4    . DT  B 1 6  ? 3.419   5.941   11.318  1.00 13.25 ? 18 DT  B O4    1 
ATOM   376 C C5    . DT  B 1 6  ? 2.560   4.242   12.707  1.00 10.39 ? 18 DT  B C5    1 
ATOM   377 C C7    . DT  B 1 6  ? 1.723   5.148   13.566  1.00 9.80  ? 18 DT  B C7    1 
ATOM   378 C C6    . DT  B 1 6  ? 2.600   2.917   12.927  1.00 9.93  ? 18 DT  B C6    1 
ATOM   379 P P     . DT  B 1 7  ? 3.817   -3.638  13.304  1.00 8.89  ? 19 DT  B P     1 
ATOM   380 O OP1   . DT  B 1 7  ? 2.429   -4.059  13.521  1.00 9.80  ? 19 DT  B OP1   1 
ATOM   381 O OP2   . DT  B 1 7  ? 4.914   -4.244  14.080  1.00 9.86  ? 19 DT  B OP2   1 
ATOM   382 O "O5'" . DT  B 1 7  ? 4.106   -3.805  11.748  1.00 10.39 ? 19 DT  B "O5'" 1 
ATOM   383 C "C5'" . DT  B 1 7  ? 4.674   -4.964  11.132  1.00 10.70 ? 19 DT  B "C5'" 1 
ATOM   384 C "C4'" . DT  B 1 7  ? 5.187   -4.618  9.736   1.00 10.61 ? 19 DT  B "C4'" 1 
ATOM   385 O "O4'" . DT  B 1 7  ? 4.077   -4.227  8.900   1.00 10.57 ? 19 DT  B "O4'" 1 
ATOM   386 C "C3'" . DT  B 1 7  ? 6.166   -3.451  9.610   1.00 11.24 ? 19 DT  B "C3'" 1 
ATOM   387 O "O3'" . DT  B 1 7  ? 6.984   -3.626  8.448   1.00 11.65 ? 19 DT  B "O3'" 1 
ATOM   388 C "C2'" . DT  B 1 7  ? 5.244   -2.241  9.490   1.00 9.58  ? 19 DT  B "C2'" 1 
ATOM   389 C "C1'" . DT  B 1 7  ? 4.075   -2.823  8.701   1.00 9.65  ? 19 DT  B "C1'" 1 
ATOM   390 N N1    . DT  B 1 7  ? 2.719   -2.254  9.051   1.00 8.86  ? 19 DT  B N1    1 
ATOM   391 C C2    . DT  B 1 7  ? 2.467   -0.941  8.732   1.00 8.29  ? 19 DT  B C2    1 
ATOM   392 O O2    . DT  B 1 7  ? 3.296   -0.234  8.181   1.00 7.92  ? 19 DT  B O2    1 
ATOM   393 N N3    . DT  B 1 7  ? 1.215   -0.474  9.067   1.00 7.61  ? 19 DT  B N3    1 
ATOM   394 C C4    . DT  B 1 7  ? 0.207   -1.191  9.675   1.00 7.96  ? 19 DT  B C4    1 
ATOM   395 O O4    . DT  B 1 7  ? -0.865  -0.661  9.921   1.00 8.52  ? 19 DT  B O4    1 
ATOM   396 C C5    . DT  B 1 7  ? 0.522   -2.576  9.991   1.00 8.07  ? 19 DT  B C5    1 
ATOM   397 C C7    . DT  B 1 7  ? -0.470  -3.495  10.660  1.00 6.87  ? 19 DT  B C7    1 
ATOM   398 C C6    . DT  B 1 7  ? 1.745   -3.025  9.664   1.00 8.08  ? 19 DT  B C6    1 
ATOM   399 P P     . DT  B 1 8  ? 8.550   -3.289  8.441   1.00 11.80 ? 20 DT  B P     1 
ATOM   400 O OP1   . DT  B 1 8  ? 9.184   -4.042  7.345   1.00 12.57 ? 20 DT  B OP1   1 
ATOM   401 O OP2   . DT  B 1 8  ? 9.076   -3.418  9.819   1.00 13.64 ? 20 DT  B OP2   1 
ATOM   402 O "O5'" . DT  B 1 8  ? 8.585   -1.741  8.085   1.00 11.98 ? 20 DT  B "O5'" 1 
ATOM   403 C "C5'" . DT  B 1 8  ? 8.072   -1.203  6.875   1.00 10.13 ? 20 DT  B "C5'" 1 
ATOM   404 C "C4'" . DT  B 1 8  ? 8.406   0.278   6.826   1.00 9.07  ? 20 DT  B "C4'" 1 
ATOM   405 O "O4'" . DT  B 1 8  ? 7.684   0.948   7.878   1.00 9.45  ? 20 DT  B "O4'" 1 
ATOM   406 C "C3'" . DT  B 1 8  ? 9.877   0.659   7.015   1.00 9.25  ? 20 DT  B "C3'" 1 
ATOM   407 O "O3'" . DT  B 1 8  ? 10.173  1.771   6.184   1.00 9.70  ? 20 DT  B "O3'" 1 
ATOM   408 C "C2'" . DT  B 1 8  ? 9.976   1.043   8.482   1.00 8.11  ? 20 DT  B "C2'" 1 
ATOM   409 C "C1'" . DT  B 1 8  ? 8.588   1.612   8.736   1.00 9.17  ? 20 DT  B "C1'" 1 
ATOM   410 N N1    . DT  B 1 8  ? 8.102   1.470   10.149  1.00 9.45  ? 20 DT  B N1    1 
ATOM   411 C C2    . DT  B 1 8  ? 7.808   2.630   10.829  1.00 9.96  ? 20 DT  B C2    1 
ATOM   412 O O2    . DT  B 1 8  ? 7.925   3.734   10.331  1.00 9.44  ? 20 DT  B O2    1 
ATOM   413 N N3    . DT  B 1 8  ? 7.353   2.447   12.112  1.00 9.83  ? 20 DT  B N3    1 
ATOM   414 C C4    . DT  B 1 8  ? 7.178   1.246   12.778  1.00 9.07  ? 20 DT  B C4    1 
ATOM   415 O O4    . DT  B 1 8  ? 6.768   1.221   13.935  1.00 9.31  ? 20 DT  B O4    1 
ATOM   416 C C5    . DT  B 1 8  ? 7.502   0.060   12.011  1.00 9.31  ? 20 DT  B C5    1 
ATOM   417 C C7    . DT  B 1 8  ? 7.361   -1.316  12.605  1.00 7.60  ? 20 DT  B C7    1 
ATOM   418 C C6    . DT  B 1 8  ? 7.938   0.232   10.744  1.00 8.85  ? 20 DT  B C6    1 
ATOM   419 P P     . DG  B 1 9  ? 11.649  2.080   5.671   1.00 10.85 ? 21 DG  B P     1 
ATOM   420 O OP1   . DG  B 1 9  ? 12.563  2.044   6.833   1.00 10.93 ? 21 DG  B OP1   1 
ATOM   421 O OP2   . DG  B 1 9  ? 11.544  3.294   4.840   1.00 12.16 ? 21 DG  B OP2   1 
ATOM   422 O "O5'" . DG  B 1 9  ? 11.999  0.865   4.701   1.00 10.62 ? 21 DG  B "O5'" 1 
ATOM   423 C "C5'" . DG  B 1 9  ? 11.516  0.785   3.372   1.00 9.89  ? 21 DG  B "C5'" 1 
ATOM   424 C "C4'" . DG  B 1 9  ? 11.478  -0.691  3.035   1.00 10.89 ? 21 DG  B "C4'" 1 
ATOM   425 O "O4'" . DG  B 1 9  ? 10.415  -1.317  3.805   1.00 10.65 ? 21 DG  B "O4'" 1 
ATOM   426 C "C3'" . DG  B 1 9  ? 11.242  -1.065  1.576   1.00 10.80 ? 21 DG  B "C3'" 1 
ATOM   427 O "O3'" . DG  B 1 9  ? 11.949  -2.264  1.333   1.00 13.00 ? 21 DG  B "O3'" 1 
ATOM   428 C "C2'" . DG  B 1 9  ? 9.746   -1.305  1.534   1.00 9.49  ? 21 DG  B "C2'" 1 
ATOM   429 C "C1'" . DG  B 1 9  ? 9.505   -1.916  2.916   1.00 8.91  ? 21 DG  B "C1'" 1 
ATOM   430 N N9    . DG  B 1 9  ? 8.131   -1.696  3.342   1.00 8.75  ? 21 DG  B N9    1 
ATOM   431 C C8    . DG  B 1 9  ? 7.261   -2.673  3.749   1.00 7.31  ? 21 DG  B C8    1 
ATOM   432 N N7    . DG  B 1 9  ? 6.092   -2.213  4.044   1.00 6.66  ? 21 DG  B N7    1 
ATOM   433 C C5    . DG  B 1 9  ? 6.190   -0.852  3.805   1.00 6.79  ? 21 DG  B C5    1 
ATOM   434 C C6    . DG  B 1 9  ? 5.226   0.161   3.953   1.00 6.98  ? 21 DG  B C6    1 
ATOM   435 O O6    . DG  B 1 9  ? 4.066   0.005   4.330   1.00 8.33  ? 21 DG  B O6    1 
ATOM   436 N N1    . DG  B 1 9  ? 5.687   1.441   3.631   1.00 6.59  ? 21 DG  B N1    1 
ATOM   437 C C2    . DG  B 1 9  ? 6.966   1.701   3.199   1.00 7.58  ? 21 DG  B C2    1 
ATOM   438 N N2    . DG  B 1 9  ? 7.275   2.979   2.916   1.00 6.46  ? 21 DG  B N2    1 
ATOM   439 N N3    . DG  B 1 9  ? 7.883   0.748   3.055   1.00 7.79  ? 21 DG  B N3    1 
ATOM   440 C C4    . DG  B 1 9  ? 7.432   -0.500  3.373   1.00 7.48  ? 21 DG  B C4    1 
ATOM   441 P P     . DG  B 1 10 ? 11.931  -3.028  -0.075  1.00 14.78 ? 22 DG  B P     1 
ATOM   442 O OP1   . DG  B 1 10 ? 13.178  -3.816  -0.053  1.00 15.76 ? 22 DG  B OP1   1 
ATOM   443 O OP2   . DG  B 1 10 ? 11.647  -2.076  -1.162  1.00 14.60 ? 22 DG  B OP2   1 
ATOM   444 O "O5'" . DG  B 1 10 ? 10.638  -3.987  -0.055  1.00 14.15 ? 22 DG  B "O5'" 1 
ATOM   445 C "C5'" . DG  B 1 10 ? 10.526  -5.097  0.830   1.00 13.77 ? 22 DG  B "C5'" 1 
ATOM   446 C "C4'" . DG  B 1 10 ? 9.096   -5.606  0.957   1.00 12.39 ? 22 DG  B "C4'" 1 
ATOM   447 O "O4'" . DG  B 1 10 ? 8.191   -4.529  1.316   1.00 11.46 ? 22 DG  B "O4'" 1 
ATOM   448 C "C3'" . DG  B 1 10 ? 8.486   -6.281  -0.274  1.00 11.89 ? 22 DG  B "C3'" 1 
ATOM   449 O "O3'" . DG  B 1 10 ? 7.865   -7.480  0.159   1.00 12.30 ? 22 DG  B "O3'" 1 
ATOM   450 C "C2'" . DG  B 1 10 ? 7.451   -5.267  -0.735  1.00 11.27 ? 22 DG  B "C2'" 1 
ATOM   451 C "C1'" . DG  B 1 10 ? 6.990   -4.756  0.617   1.00 10.27 ? 22 DG  B "C1'" 1 
ATOM   452 N N9    . DG  B 1 10 ? 6.212   -3.528  0.583   1.00 9.19  ? 22 DG  B N9    1 
ATOM   453 C C8    . DG  B 1 10 ? 6.595   -2.304  0.084   1.00 8.00  ? 22 DG  B C8    1 
ATOM   454 N N7    . DG  B 1 10 ? 5.679   -1.391  0.201   1.00 6.79  ? 22 DG  B N7    1 
ATOM   455 C C5    . DG  B 1 10 ? 4.633   -2.051  0.830   1.00 8.13  ? 22 DG  B C5    1 
ATOM   456 C C6    . DG  B 1 10 ? 3.359   -1.588  1.232   1.00 8.68  ? 22 DG  B C6    1 
ATOM   457 O O6    . DG  B 1 10 ? 2.903   -0.448  1.099   1.00 10.69 ? 22 DG  B O6    1 
ATOM   458 N N1    . DG  B 1 10 ? 2.564   -2.573  1.836   1.00 8.47  ? 22 DG  B N1    1 
ATOM   459 C C2    . DG  B 1 10 ? 2.973   -3.872  2.038   1.00 8.29  ? 22 DG  B C2    1 
ATOM   460 N N2    . DG  B 1 10 ? 2.101   -4.701  2.641   1.00 7.99  ? 22 DG  B N2    1 
ATOM   461 N N3    . DG  B 1 10 ? 4.169   -4.317  1.665   1.00 8.55  ? 22 DG  B N3    1 
ATOM   462 C C4    . DG  B 1 10 ? 4.940   -3.370  1.069   1.00 8.25  ? 22 DG  B C4    1 
ATOM   463 P P     . DG  B 1 11 ? 7.131   -8.535  -0.795  1.00 14.13 ? 23 DG  B P     1 
ATOM   464 O OP1   . DG  B 1 11 ? 6.883   -9.694  0.096   1.00 14.27 ? 23 DG  B OP1   1 
ATOM   465 O OP2   . DG  B 1 11 ? 7.914   -8.688  -2.029  1.00 13.39 ? 23 DG  B OP2   1 
ATOM   466 O "O5'" . DG  B 1 11 ? 5.716   -7.911  -1.202  1.00 11.78 ? 23 DG  B "O5'" 1 
ATOM   467 C "C5'" . DG  B 1 11 ? 4.769   -7.594  -0.201  1.00 10.47 ? 23 DG  B "C5'" 1 
ATOM   468 C "C4'" . DG  B 1 11 ? 3.671   -8.629  -0.073  1.00 9.77  ? 23 DG  B "C4'" 1 
ATOM   469 O "O4'" . DG  B 1 11 ? 2.492   -8.000  0.483   1.00 8.75  ? 23 DG  B "O4'" 1 
ATOM   470 C "C3'" . DG  B 1 11 ? 3.203   -9.289  -1.369  1.00 10.61 ? 23 DG  B "C3'" 1 
ATOM   471 O "O3'" . DG  B 1 11 ? 2.786   -10.625 -1.059  1.00 10.03 ? 23 DG  B "O3'" 1 
ATOM   472 C "C2'" . DG  B 1 11 ? 2.055   -8.383  -1.801  1.00 8.31  ? 23 DG  B "C2'" 1 
ATOM   473 C "C1'" . DG  B 1 11 ? 1.438   -8.047  -0.445  1.00 7.97  ? 23 DG  B "C1'" 1 
ATOM   474 N N9    . DG  B 1 11 ? 0.779   -6.757  -0.389  1.00 7.48  ? 23 DG  B N9    1 
ATOM   475 C C8    . DG  B 1 11 ? -0.479  -6.519  0.103   1.00 6.60  ? 23 DG  B C8    1 
ATOM   476 N N7    . DG  B 1 11 ? -0.836  -5.276  0.033   1.00 6.62  ? 23 DG  B N7    1 
ATOM   477 C C5    . DG  B 1 11 ? 0.262   -4.658  -0.535  1.00 6.92  ? 23 DG  B C5    1 
ATOM   478 C C6    . DG  B 1 11 ? 0.471   -3.304  -0.855  1.00 6.46  ? 23 DG  B C6    1 
ATOM   479 O O6    . DG  B 1 11 ? -0.332  -2.396  -0.675  1.00 9.35  ? 23 DG  B O6    1 
ATOM   480 N N1    . DG  B 1 11 ? 1.711   -3.028  -1.441  1.00 6.01  ? 23 DG  B N1    1 
ATOM   481 C C2    . DG  B 1 11 ? 2.666   -3.992  -1.679  1.00 5.80  ? 23 DG  B C2    1 
ATOM   482 N N2    . DG  B 1 11 ? 3.817   -3.596  -2.233  1.00 5.55  ? 23 DG  B N2    1 
ATOM   483 N N3    . DG  B 1 11 ? 2.492   -5.276  -1.374  1.00 7.07  ? 23 DG  B N3    1 
ATOM   484 C C4    . DG  B 1 11 ? 1.273   -5.545  -0.808  1.00 7.02  ? 23 DG  B C4    1 
ATOM   485 P P     . DG  B 1 12 ? 2.152   -11.603 -2.150  1.00 10.86 ? 24 DG  B P     1 
ATOM   486 O OP1   . DG  B 1 12 ? 2.193   -12.949 -1.544  1.00 10.97 ? 24 DG  B OP1   1 
ATOM   487 O OP2   . DG  B 1 12 ? 2.798   -11.338 -3.449  1.00 10.15 ? 24 DG  B OP2   1 
ATOM   488 O "O5'" . DG  B 1 12 ? 0.635   -11.122 -2.279  1.00 10.10 ? 24 DG  B "O5'" 1 
ATOM   489 C "C5'" . DG  B 1 12 ? -0.353  -11.424 -1.313  1.00 8.87  ? 24 DG  B "C5'" 1 
ATOM   490 C "C4'" . DG  B 1 12 ? -1.647  -10.768 -1.744  1.00 9.03  ? 24 DG  B "C4'" 1 
ATOM   491 O "O4'" . DG  B 1 12 ? -1.475  -9.326  -1.793  1.00 8.14  ? 24 DG  B "O4'" 1 
ATOM   492 C "C3'" . DG  B 1 12 ? -2.184  -11.158 -3.119  1.00 9.02  ? 24 DG  B "C3'" 1 
ATOM   493 O "O3'" . DG  B 1 12 ? -3.583  -11.373 -3.008  1.00 10.52 ? 24 DG  B "O3'" 1 
ATOM   494 C "C2'" . DG  B 1 12 ? -1.922  -9.920  -3.971  1.00 7.74  ? 24 DG  B "C2'" 1 
ATOM   495 C "C1'" . DG  B 1 12 ? -2.163  -8.842  -2.927  1.00 7.14  ? 24 DG  B "C1'" 1 
ATOM   496 N N9    . DG  B 1 12 ? -1.674  -7.506  -3.272  1.00 6.13  ? 24 DG  B N9    1 
ATOM   497 C C8    . DG  B 1 12 ? -0.432  -7.163  -3.763  1.00 5.56  ? 24 DG  B C8    1 
ATOM   498 N N7    . DG  B 1 12 ? -0.279  -5.884  -3.971  1.00 4.93  ? 24 DG  B N7    1 
ATOM   499 C C5    . DG  B 1 12 ? -1.502  -5.342  -3.579  1.00 4.64  ? 24 DG  B C5    1 
ATOM   500 C C6    . DG  B 1 12 ? -1.951  -3.999  -3.580  1.00 5.37  ? 24 DG  B C6    1 
ATOM   501 O O6    . DG  B 1 12 ? -1.317  -2.995  -3.934  1.00 6.78  ? 24 DG  B O6    1 
ATOM   502 N N1    . DG  B 1 12 ? -3.265  -3.854  -3.115  1.00 5.01  ? 24 DG  B N1    1 
ATOM   503 C C2    . DG  B 1 12 ? -4.061  -4.900  -2.706  1.00 4.59  ? 24 DG  B C2    1 
ATOM   504 N N2    . DG  B 1 12 ? -5.302  -4.592  -2.301  1.00 5.42  ? 24 DG  B N2    1 
ATOM   505 N N3    . DG  B 1 12 ? -3.650  -6.164  -2.694  1.00 4.86  ? 24 DG  B N3    1 
ATOM   506 C C4    . DG  B 1 12 ? -2.371  -6.320  -3.143  1.00 4.83  ? 24 DG  B C4    1 
HETATM 507 K K     . K   C 2 .  ? 1.607   1.044   3.297   1.00 11.19 ? 26 K   A K     1 
HETATM 508 K K     . K   D 2 .  ? 0.158   0.223   0.313   1.00 10.31 ? 27 K   A K     1 
HETATM 509 K K     . K   E 2 .  ? -1.183  -0.514  -2.862  1.00 9.09  ? 28 K   A K     1 
HETATM 510 O O39   . NCK F 3 .  ? -4.500  -5.509  -6.065  1.00 8.90  ? 29 NCK A O39   1 
HETATM 511 C C9    . NCK F 3 .  ? -4.119  -6.657  -5.984  1.00 8.53  ? 29 NCK A C9    1 
HETATM 512 C C10   . NCK F 3 .  ? -5.066  -7.740  -5.479  1.00 8.50  ? 29 NCK A C10   1 
HETATM 513 C C13   . NCK F 3 .  ? -6.357  -7.148  -4.901  1.00 10.41 ? 29 NCK A C13   1 
HETATM 514 N N16   . NCK F 3 .  ? -7.551  -7.450  -5.714  1.00 11.78 ? 29 NCK A N16   1 
HETATM 515 C C18   . NCK F 3 .  ? -7.547  -7.022  -7.125  1.00 12.12 ? 29 NCK A C18   1 
HETATM 516 C C27   . NCK F 3 .  ? -8.797  -7.521  -7.856  1.00 12.14 ? 29 NCK A C27   1 
HETATM 517 C C30   . NCK F 3 .  ? -10.071 -7.151  -7.103  1.00 11.72 ? 29 NCK A C30   1 
HETATM 518 C C20   . NCK F 3 .  ? -11.329 -7.542  -7.871  1.00 10.97 ? 29 NCK A C20   1 
HETATM 519 C C33   . NCK F 3 .  ? -10.000 -7.865  -5.766  1.00 12.09 ? 29 NCK A C33   1 
HETATM 520 C C36   . NCK F 3 .  ? -8.801  -7.386  -4.943  1.00 12.48 ? 29 NCK A C36   1 
HETATM 521 N N7    . NCK F 3 .  ? -2.871  -7.027  -6.297  1.00 7.90  ? 29 NCK A N7    1 
HETATM 522 C C6    . NCK F 3 .  ? -1.833  -6.216  -6.820  1.00 7.69  ? 29 NCK A C6    1 
HETATM 523 C C40   . NCK F 3 .  ? -0.637  -6.844  -7.170  1.00 7.83  ? 29 NCK A C40   1 
HETATM 524 C C42   . NCK F 3 .  ? 0.431   -6.140  -7.727  1.00 7.86  ? 29 NCK A C42   1 
HETATM 525 C C4    . NCK F 3 .  ? -1.952  -4.845  -7.069  1.00 7.62  ? 29 NCK A C4    1 
HETATM 526 C C3    . NCK F 3 .  ? -0.887  -4.130  -7.631  1.00 7.99  ? 29 NCK A C3    1 
HETATM 527 N N1    . NCK F 3 .  ? -1.010  -2.796  -7.853  1.00 8.87  ? 29 NCK A N1    1 
HETATM 528 C C44   . NCK F 3 .  ? 0.309   -4.778  -7.961  1.00 7.79  ? 29 NCK A C44   1 
HETATM 529 C C45   . NCK F 3 .  ? 1.364   -4.060  -8.525  1.00 8.03  ? 29 NCK A C45   1 
HETATM 530 C C2    . NCK F 3 .  ? 1.208   -2.690  -8.750  1.00 8.19  ? 29 NCK A C2    1 
HETATM 531 C C87   . NCK F 3 .  ? -0.006  -2.066  -8.401  1.00 8.26  ? 29 NCK A C87   1 
HETATM 532 C C47   . NCK F 3 .  ? 2.240   -1.943  -9.310  1.00 7.22  ? 29 NCK A C47   1 
HETATM 533 C C49   . NCK F 3 .  ? 2.058   -0.579  -9.529  1.00 7.36  ? 29 NCK A C49   1 
HETATM 534 C C51   . NCK F 3 .  ? 0.863   0.062   -9.168  1.00 8.26  ? 29 NCK A C51   1 
HETATM 535 C C85   . NCK F 3 .  ? -0.187  -0.695  -8.616  1.00 8.04  ? 29 NCK A C85   1 
HETATM 536 N N52   . NCK F 3 .  ? 0.718   1.431   -9.467  1.00 8.27  ? 29 NCK A N52   1 
HETATM 537 C C54   . NCK F 3 .  ? -0.250  2.270   -9.090  1.00 10.48 ? 29 NCK A C54   1 
HETATM 538 O O84   . NCK F 3 .  ? -1.138  1.974   -8.314  1.00 11.66 ? 29 NCK A O84   1 
HETATM 539 C C55   . NCK F 3 .  ? -0.174  3.667   -9.676  1.00 10.13 ? 29 NCK A C55   1 
HETATM 540 C C58   . NCK F 3 .  ? -1.207  4.583   -9.028  1.00 11.70 ? 29 NCK A C58   1 
HETATM 541 N N61   . NCK F 3 .  ? -2.051  5.284   -9.994  1.00 13.36 ? 29 NCK A N61   1 
HETATM 542 C C63   . NCK F 3 .  ? -3.330  5.688   -9.412  1.00 14.14 ? 29 NCK A C63   1 
HETATM 543 C C66   . NCK F 3 .  ? -4.306  6.091   -10.513 1.00 15.71 ? 29 NCK A C66   1 
HETATM 544 C C69   . NCK F 3 .  ? -3.680  7.138   -11.429 1.00 16.74 ? 29 NCK A C69   1 
HETATM 545 C C77   . NCK F 3 .  ? -4.669  7.587   -12.504 1.00 17.89 ? 29 NCK A C77   1 
HETATM 546 C C72   . NCK F 3 .  ? -2.393  6.575   -12.034 1.00 16.45 ? 29 NCK A C72   1 
HETATM 547 C C75   . NCK F 3 .  ? -1.388  6.173   -10.955 1.00 14.72 ? 29 NCK A C75   1 
HETATM 548 K K     . K   G 2 .  ? 2.954   1.796   6.507   1.00 13.16 ? 25 K   B K     1 
HETATM 549 O O     . HOH H 4 .  ? -13.353 6.656   -6.273  1.00 18.44 ? 30 HOH A O     1 
HETATM 550 O O     . HOH H 4 .  ? 8.322   -2.764  -3.359  1.00 17.32 ? 31 HOH A O     1 
HETATM 551 O O     . HOH H 4 .  ? -8.007  -1.125  -9.468  1.00 14.75 ? 32 HOH A O     1 
HETATM 552 O O     . HOH H 4 .  ? 8.942   1.709   -0.463  1.00 15.00 ? 33 HOH A O     1 
HETATM 553 O O     . HOH H 4 .  ? 5.021   4.608   -6.079  1.00 19.55 ? 34 HOH A O     1 
HETATM 554 O O     . HOH H 4 .  ? 9.464   -5.607  -10.569 1.00 30.89 ? 35 HOH A O     1 
HETATM 555 O O     . HOH H 4 .  ? -7.603  -10.653 6.142   1.00 21.22 ? 36 HOH A O     1 
HETATM 556 O O     . HOH H 4 .  ? -1.803  -8.903  -9.716  1.00 5.54  ? 37 HOH A O     1 
HETATM 557 O O     . HOH H 4 .  ? -0.136  -11.286 -6.695  1.00 19.09 ? 38 HOH A O     1 
HETATM 558 O O     . HOH H 4 .  ? 9.319   6.657   2.504   1.00 11.55 ? 39 HOH A O     1 
HETATM 559 O O     . HOH H 4 .  ? -2.478  -9.857  -7.317  1.00 16.86 ? 40 HOH A O     1 
HETATM 560 O O     . HOH H 4 .  ? -10.154 -4.275  -4.458  1.00 12.17 ? 41 HOH A O     1 
HETATM 561 O O     . HOH H 4 .  ? -7.611  2.904   -11.770 1.00 21.40 ? 42 HOH A O     1 
HETATM 562 O O     . HOH H 4 .  ? 3.688   6.887   -4.073  1.00 12.54 ? 43 HOH A O     1 
HETATM 563 O O     . HOH H 4 .  ? 3.691   -8.879  4.981   1.00 21.96 ? 44 HOH A O     1 
HETATM 564 O O     . HOH H 4 .  ? -12.421 -0.794  -6.255  1.00 18.72 ? 45 HOH A O     1 
HETATM 565 O O     . HOH H 4 .  ? -11.284 0.346   -8.851  1.00 21.61 ? 46 HOH A O     1 
HETATM 566 O O     . HOH H 4 .  ? -15.024 -2.491  -2.880  1.00 24.12 ? 47 HOH A O     1 
HETATM 567 O O     . HOH H 4 .  ? -5.951  7.175   -4.240  1.00 31.49 ? 48 HOH A O     1 
HETATM 568 O O     . HOH H 4 .  ? -4.930  -11.615 4.576   1.00 30.28 ? 49 HOH A O     1 
HETATM 569 O O     . HOH H 4 .  ? -7.039  -0.637  4.956   1.00 17.93 ? 50 HOH A O     1 
HETATM 570 O O     . HOH H 4 .  ? -15.876 -1.589  -0.521  1.00 28.21 ? 51 HOH A O     1 
HETATM 571 O O     . HOH H 4 .  ? 11.749  3.466   0.234   1.00 34.42 ? 52 HOH A O     1 
HETATM 572 O O     . HOH H 4 .  ? 0.659   -13.783 -5.492  1.00 28.53 ? 53 HOH A O     1 
HETATM 573 O O     . HOH H 4 .  ? 1.447   -9.220  -9.502  1.00 22.57 ? 54 HOH A O     1 
HETATM 574 O O     . HOH H 4 .  ? -12.336 -3.862  -5.990  1.00 23.77 ? 55 HOH A O     1 
HETATM 575 O O     . HOH H 4 .  ? -8.983  6.217   2.986   1.00 17.51 ? 56 HOH A O     1 
HETATM 576 O O     . HOH H 4 .  ? -0.684  -3.204  -16.398 1.00 29.06 ? 57 HOH A O     1 
HETATM 577 O O     . HOH H 4 .  ? -9.846  0.895   2.996   1.00 28.01 ? 58 HOH A O     1 
HETATM 578 O O     . HOH H 4 .  ? -8.905  4.835   5.116   1.00 25.80 ? 59 HOH A O     1 
HETATM 579 O O     . HOH H 4 .  ? -7.690  2.483   3.779   1.00 30.23 ? 60 HOH A O     1 
HETATM 580 O O     . HOH H 4 .  ? 2.422   2.290   -11.872 1.00 13.92 ? 61 HOH A O     1 
HETATM 581 O O     . HOH H 4 .  ? 9.942   3.836   2.231   1.00 18.76 ? 62 HOH A O     1 
HETATM 582 O O     . HOH I 4 .  ? -7.490  -6.470  -1.407  1.00 10.00 ? 26 HOH B O     1 
HETATM 583 O O     . HOH I 4 .  ? 1.697   -9.484  -5.185  1.00 9.56  ? 27 HOH B O     1 
HETATM 584 O O     . HOH I 4 .  ? 1.801   8.625   -2.688  1.00 14.14 ? 28 HOH B O     1 
HETATM 585 O O     . HOH I 4 .  ? 6.202   -2.474  16.264  1.00 17.22 ? 29 HOH B O     1 
HETATM 586 O O     . HOH I 4 .  ? 10.908  -1.536  10.544  1.00 8.46  ? 30 HOH B O     1 
HETATM 587 O O     . HOH I 4 .  ? 6.084   -4.841  -3.883  1.00 14.45 ? 31 HOH B O     1 
HETATM 588 O O     . HOH I 4 .  ? -0.540  9.016   2.485   1.00 10.61 ? 32 HOH B O     1 
HETATM 589 O O     . HOH I 4 .  ? 11.636  -4.053  5.617   1.00 37.05 ? 33 HOH B O     1 
HETATM 590 O O     . HOH I 4 .  ? 4.282   4.494   7.273   1.00 13.09 ? 35 HOH B O     1 
HETATM 591 O O     . HOH I 4 .  ? -5.829  1.254   8.160   1.00 24.96 ? 36 HOH B O     1 
HETATM 592 O O     . HOH I 4 .  ? 1.474   2.594   16.279  1.00 14.81 ? 37 HOH B O     1 
HETATM 593 O O     . HOH I 4 .  ? -3.798  -14.077 -0.859  1.00 34.30 ? 38 HOH B O     1 
HETATM 594 O O     . HOH I 4 .  ? 1.995   -15.828 -2.655  1.00 36.39 ? 39 HOH B O     1 
HETATM 595 O O     . HOH I 4 .  ? 5.295   2.156   7.544   1.00 17.56 ? 40 HOH B O     1 
HETATM 596 O O     . HOH I 4 .  ? -9.808  8.762   5.452   1.00 22.38 ? 41 HOH B O     1 
HETATM 597 O O     . HOH I 4 .  ? -8.358  1.872   11.869  1.00 26.70 ? 42 HOH B O     1 
HETATM 598 O O     . HOH I 4 .  ? 3.212   0.937   17.363  1.00 21.95 ? 43 HOH B O     1 
HETATM 599 O O     . HOH I 4 .  ? 0.249   -4.237  15.412  1.00 20.33 ? 44 HOH B O     1 
HETATM 600 O O     . HOH I 4 .  ? -5.751  12.088  8.484   1.00 15.31 ? 45 HOH B O     1 
HETATM 601 O O     . HOH I 4 .  ? 5.757   5.314   9.505   1.00 24.68 ? 46 HOH B O     1 
HETATM 602 O O     . HOH I 4 .  ? -3.803  -2.534  13.804  1.00 31.94 ? 47 HOH B O     1 
HETATM 603 O O     . HOH I 4 .  ? 0.130   -2.273  17.287  1.00 25.84 ? 48 HOH B O     1 
HETATM 604 O O     . HOH I 4 .  ? -8.260  12.865  8.280   1.00 27.14 ? 49 HOH B O     1 
# 
loop_
_pdbx_poly_seq_scheme.asym_id 
_pdbx_poly_seq_scheme.entity_id 
_pdbx_poly_seq_scheme.seq_id 
_pdbx_poly_seq_scheme.mon_id 
_pdbx_poly_seq_scheme.ndb_seq_num 
_pdbx_poly_seq_scheme.pdb_seq_num 
_pdbx_poly_seq_scheme.auth_seq_num 
_pdbx_poly_seq_scheme.pdb_mon_id 
_pdbx_poly_seq_scheme.auth_mon_id 
_pdbx_poly_seq_scheme.pdb_strand_id 
_pdbx_poly_seq_scheme.pdb_ins_code 
_pdbx_poly_seq_scheme.hetero 
A 1 1  DG 1  1  1  DG G A . n 
A 1 2  DG 2  2  2  DG G A . n 
A 1 3  DG 3  3  3  DG G A . n 
A 1 4  DG 4  4  4  DG G A . n 
A 1 5  DT 5  5  5  DT T A . n 
A 1 6  DT 6  6  6  DT T A . n 
A 1 7  DT 7  7  7  DT T A . n 
A 1 8  DT 8  8  8  DT T A . n 
A 1 9  DG 9  9  9  DG G A . n 
A 1 10 DG 10 10 10 DG G A . n 
A 1 11 DG 11 11 11 DG G A . n 
A 1 12 DG 12 12 12 DG G A . n 
B 1 1  DG 1  13 13 DG G B . n 
B 1 2  DG 2  14 14 DG G B . n 
B 1 3  DG 3  15 15 DG G B . n 
B 1 4  DG 4  16 16 DG G B . n 
B 1 5  DT 5  17 17 DT T B . n 
B 1 6  DT 6  18 18 DT T B . n 
B 1 7  DT 7  19 19 DT T B . n 
B 1 8  DT 8  20 20 DT T B . n 
B 1 9  DG 9  21 21 DG G B . n 
B 1 10 DG 10 22 22 DG G B . n 
B 1 11 DG 11 23 23 DG G B . n 
B 1 12 DG 12 24 24 DG G B . n 
# 
loop_
_pdbx_nonpoly_scheme.asym_id 
_pdbx_nonpoly_scheme.entity_id 
_pdbx_nonpoly_scheme.mon_id 
_pdbx_nonpoly_scheme.ndb_seq_num 
_pdbx_nonpoly_scheme.pdb_seq_num 
_pdbx_nonpoly_scheme.auth_seq_num 
_pdbx_nonpoly_scheme.pdb_mon_id 
_pdbx_nonpoly_scheme.auth_mon_id 
_pdbx_nonpoly_scheme.pdb_strand_id 
_pdbx_nonpoly_scheme.pdb_ins_code 
C 2 K   1  26 26 K   K   A . 
D 2 K   1  27 27 K   K   A . 
E 2 K   1  28 28 K   K   A . 
F 3 NCK 1  29 29 NCK NCK A . 
G 2 K   1  25 25 K   K   B . 
H 4 HOH 1  30 3  HOH HOH A . 
H 4 HOH 2  31 4  HOH HOH A . 
H 4 HOH 3  32 5  HOH HOH A . 
H 4 HOH 4  33 6  HOH HOH A . 
H 4 HOH 5  34 8  HOH HOH A . 
H 4 HOH 6  35 9  HOH HOH A . 
H 4 HOH 7  36 10 HOH HOH A . 
H 4 HOH 8  37 14 HOH HOH A . 
H 4 HOH 9  38 15 HOH HOH A . 
H 4 HOH 10 39 16 HOH HOH A . 
H 4 HOH 11 40 20 HOH HOH A . 
H 4 HOH 12 41 22 HOH HOH A . 
H 4 HOH 13 42 23 HOH HOH A . 
H 4 HOH 14 43 27 HOH HOH A . 
H 4 HOH 15 44 28 HOH HOH A . 
H 4 HOH 16 45 29 HOH HOH A . 
H 4 HOH 17 46 30 HOH HOH A . 
H 4 HOH 18 47 31 HOH HOH A . 
H 4 HOH 19 48 34 HOH HOH A . 
H 4 HOH 20 49 36 HOH HOH A . 
H 4 HOH 21 50 37 HOH HOH A . 
H 4 HOH 22 51 38 HOH HOH A . 
H 4 HOH 23 52 40 HOH HOH A . 
H 4 HOH 24 53 41 HOH HOH A . 
H 4 HOH 25 54 45 HOH HOH A . 
H 4 HOH 26 55 50 HOH HOH A . 
H 4 HOH 27 56 51 HOH HOH A . 
H 4 HOH 28 57 52 HOH HOH A . 
H 4 HOH 29 58 54 HOH HOH A . 
H 4 HOH 30 59 55 HOH HOH A . 
H 4 HOH 31 60 56 HOH HOH A . 
H 4 HOH 32 61 57 HOH HOH A . 
H 4 HOH 33 62 19 HOH HOH A . 
I 4 HOH 1  26 1  HOH HOH B . 
I 4 HOH 2  27 2  HOH HOH B . 
I 4 HOH 3  28 7  HOH HOH B . 
I 4 HOH 4  29 11 HOH HOH B . 
I 4 HOH 5  30 12 HOH HOH B . 
I 4 HOH 6  31 13 HOH HOH B . 
I 4 HOH 7  32 17 HOH HOH B . 
I 4 HOH 8  33 18 HOH HOH B . 
I 4 HOH 9  35 21 HOH HOH B . 
I 4 HOH 10 36 24 HOH HOH B . 
I 4 HOH 11 37 25 HOH HOH B . 
I 4 HOH 12 38 26 HOH HOH B . 
I 4 HOH 13 39 32 HOH HOH B . 
I 4 HOH 14 40 33 HOH HOH B . 
I 4 HOH 15 41 35 HOH HOH B . 
I 4 HOH 16 42 39 HOH HOH B . 
I 4 HOH 17 43 42 HOH HOH B . 
I 4 HOH 18 44 43 HOH HOH B . 
I 4 HOH 19 45 44 HOH HOH B . 
I 4 HOH 20 46 46 HOH HOH B . 
I 4 HOH 21 47 47 HOH HOH B . 
I 4 HOH 22 48 48 HOH HOH B . 
I 4 HOH 23 49 53 HOH HOH B . 
# 
_pdbx_struct_assembly.id                   1 
_pdbx_struct_assembly.details              author_and_software_defined_assembly 
_pdbx_struct_assembly.method_details       PISA 
_pdbx_struct_assembly.oligomeric_details   dimeric 
_pdbx_struct_assembly.oligomeric_count     2 
# 
_pdbx_struct_assembly_gen.assembly_id       1 
_pdbx_struct_assembly_gen.oper_expression   1 
_pdbx_struct_assembly_gen.asym_id_list      A,B,C,D,E,F,G,H,I 
# 
loop_
_pdbx_struct_assembly_prop.biol_id 
_pdbx_struct_assembly_prop.type 
_pdbx_struct_assembly_prop.value 
_pdbx_struct_assembly_prop.details 
1 'ABSA (A^2)' 3160  ? 
1 MORE         -10.6 ? 
1 'SSA (A^2)'  3620  ? 
# 
_pdbx_struct_oper_list.id                   1 
_pdbx_struct_oper_list.type                 'identity operation' 
_pdbx_struct_oper_list.name                 1_555 
_pdbx_struct_oper_list.symmetry_operation   x,y,z 
_pdbx_struct_oper_list.matrix[1][1]         1.0000000000 
_pdbx_struct_oper_list.matrix[1][2]         0.0000000000 
_pdbx_struct_oper_list.matrix[1][3]         0.0000000000 
_pdbx_struct_oper_list.vector[1]            0.0000000000 
_pdbx_struct_oper_list.matrix[2][1]         0.0000000000 
_pdbx_struct_oper_list.matrix[2][2]         1.0000000000 
_pdbx_struct_oper_list.matrix[2][3]         0.0000000000 
_pdbx_struct_oper_list.vector[2]            0.0000000000 
_pdbx_struct_oper_list.matrix[3][1]         0.0000000000 
_pdbx_struct_oper_list.matrix[3][2]         0.0000000000 
_pdbx_struct_oper_list.matrix[3][3]         1.0000000000 
_pdbx_struct_oper_list.vector[3]            0.0000000000 
# 
loop_
_pdbx_struct_conn_angle.id 
_pdbx_struct_conn_angle.ptnr1_label_atom_id 
_pdbx_struct_conn_angle.ptnr1_label_alt_id 
_pdbx_struct_conn_angle.ptnr1_label_asym_id 
_pdbx_struct_conn_angle.ptnr1_label_comp_id 
_pdbx_struct_conn_angle.ptnr1_label_seq_id 
_pdbx_struct_conn_angle.ptnr1_auth_atom_id 
_pdbx_struct_conn_angle.ptnr1_auth_asym_id 
_pdbx_struct_conn_angle.ptnr1_auth_comp_id 
_pdbx_struct_conn_angle.ptnr1_auth_seq_id 
_pdbx_struct_conn_angle.ptnr1_PDB_ins_code 
_pdbx_struct_conn_angle.ptnr1_symmetry 
_pdbx_struct_conn_angle.ptnr2_label_atom_id 
_pdbx_struct_conn_angle.ptnr2_label_alt_id 
_pdbx_struct_conn_angle.ptnr2_label_asym_id 
_pdbx_struct_conn_angle.ptnr2_label_comp_id 
_pdbx_struct_conn_angle.ptnr2_label_seq_id 
_pdbx_struct_conn_angle.ptnr2_auth_atom_id 
_pdbx_struct_conn_angle.ptnr2_auth_asym_id 
_pdbx_struct_conn_angle.ptnr2_auth_comp_id 
_pdbx_struct_conn_angle.ptnr2_auth_seq_id 
_pdbx_struct_conn_angle.ptnr2_PDB_ins_code 
_pdbx_struct_conn_angle.ptnr2_symmetry 
_pdbx_struct_conn_angle.ptnr3_label_atom_id 
_pdbx_struct_conn_angle.ptnr3_label_alt_id 
_pdbx_struct_conn_angle.ptnr3_label_asym_id 
_pdbx_struct_conn_angle.ptnr3_label_comp_id 
_pdbx_struct_conn_angle.ptnr3_label_seq_id 
_pdbx_struct_conn_angle.ptnr3_auth_atom_id 
_pdbx_struct_conn_angle.ptnr3_auth_asym_id 
_pdbx_struct_conn_angle.ptnr3_auth_comp_id 
_pdbx_struct_conn_angle.ptnr3_auth_seq_id 
_pdbx_struct_conn_angle.ptnr3_PDB_ins_code 
_pdbx_struct_conn_angle.ptnr3_symmetry 
_pdbx_struct_conn_angle.value 
_pdbx_struct_conn_angle.value_esd 
1  O6 ? A DG 1  ? A DG 1  ? 1_555 K ? C K . ? A K 26 ? 1_555 O6 ? A DG  2  ? A DG  2  ? 1_555 68.5  ? 
2  O6 ? A DG 1  ? A DG 1  ? 1_555 K ? C K . ? A K 26 ? 1_555 O6 ? A DG  11 ? A DG  11 ? 1_555 172.1 ? 
3  O6 ? A DG 2  ? A DG 2  ? 1_555 K ? C K . ? A K 26 ? 1_555 O6 ? A DG  11 ? A DG  11 ? 1_555 107.1 ? 
4  O6 ? A DG 1  ? A DG 1  ? 1_555 K ? C K . ? A K 26 ? 1_555 O6 ? A DG  12 ? A DG  12 ? 1_555 111.8 ? 
5  O6 ? A DG 2  ? A DG 2  ? 1_555 K ? C K . ? A K 26 ? 1_555 O6 ? A DG  12 ? A DG  12 ? 1_555 172.9 ? 
6  O6 ? A DG 11 ? A DG 11 ? 1_555 K ? C K . ? A K 26 ? 1_555 O6 ? A DG  12 ? A DG  12 ? 1_555 73.4  ? 
7  O6 ? A DG 1  ? A DG 1  ? 1_555 K ? C K . ? A K 26 ? 1_555 O6 ? B DG  3  ? B DG  15 ? 1_555 103.1 ? 
8  O6 ? A DG 2  ? A DG 2  ? 1_555 K ? C K . ? A K 26 ? 1_555 O6 ? B DG  3  ? B DG  15 ? 1_555 69.5  ? 
9  O6 ? A DG 11 ? A DG 11 ? 1_555 K ? C K . ? A K 26 ? 1_555 O6 ? B DG  3  ? B DG  15 ? 1_555 69.0  ? 
10 O6 ? A DG 12 ? A DG 12 ? 1_555 K ? C K . ? A K 26 ? 1_555 O6 ? B DG  3  ? B DG  15 ? 1_555 116.7 ? 
11 O6 ? A DG 1  ? A DG 1  ? 1_555 K ? C K . ? A K 26 ? 1_555 O6 ? B DG  4  ? B DG  16 ? 1_555 70.9  ? 
12 O6 ? A DG 2  ? A DG 2  ? 1_555 K ? C K . ? A K 26 ? 1_555 O6 ? B DG  4  ? B DG  16 ? 1_555 113.2 ? 
13 O6 ? A DG 11 ? A DG 11 ? 1_555 K ? C K . ? A K 26 ? 1_555 O6 ? B DG  4  ? B DG  16 ? 1_555 105.9 ? 
14 O6 ? A DG 12 ? A DG 12 ? 1_555 K ? C K . ? A K 26 ? 1_555 O6 ? B DG  4  ? B DG  16 ? 1_555 73.0  ? 
15 O6 ? B DG 3  ? B DG 15 ? 1_555 K ? C K . ? A K 26 ? 1_555 O6 ? B DG  4  ? B DG  16 ? 1_555 71.0  ? 
16 O6 ? A DG 1  ? A DG 1  ? 1_555 K ? C K . ? A K 26 ? 1_555 O6 ? B DG  9  ? B DG  21 ? 1_555 70.6  ? 
17 O6 ? A DG 2  ? A DG 2  ? 1_555 K ? C K . ? A K 26 ? 1_555 O6 ? B DG  9  ? B DG  21 ? 1_555 103.8 ? 
18 O6 ? A DG 11 ? A DG 11 ? 1_555 K ? C K . ? A K 26 ? 1_555 O6 ? B DG  9  ? B DG  21 ? 1_555 117.2 ? 
19 O6 ? A DG 12 ? A DG 12 ? 1_555 K ? C K . ? A K 26 ? 1_555 O6 ? B DG  9  ? B DG  21 ? 1_555 70.2  ? 
20 O6 ? B DG 3  ? B DG 15 ? 1_555 K ? C K . ? A K 26 ? 1_555 O6 ? B DG  9  ? B DG  21 ? 1_555 172.5 ? 
21 O6 ? B DG 4  ? B DG 16 ? 1_555 K ? C K . ? A K 26 ? 1_555 O6 ? B DG  9  ? B DG  21 ? 1_555 109.8 ? 
22 O6 ? A DG 1  ? A DG 1  ? 1_555 K ? C K . ? A K 26 ? 1_555 O6 ? B DG  10 ? B DG  22 ? 1_555 113.6 ? 
23 O6 ? A DG 2  ? A DG 2  ? 1_555 K ? C K . ? A K 26 ? 1_555 O6 ? B DG  10 ? B DG  22 ? 1_555 68.9  ? 
24 O6 ? A DG 11 ? A DG 11 ? 1_555 K ? C K . ? A K 26 ? 1_555 O6 ? B DG  10 ? B DG  22 ? 1_555 69.5  ? 
25 O6 ? A DG 12 ? A DG 12 ? 1_555 K ? C K . ? A K 26 ? 1_555 O6 ? B DG  10 ? B DG  22 ? 1_555 105.2 ? 
26 O6 ? B DG 3  ? B DG 15 ? 1_555 K ? C K . ? A K 26 ? 1_555 O6 ? B DG  10 ? B DG  22 ? 1_555 106.7 ? 
27 O6 ? B DG 4  ? B DG 16 ? 1_555 K ? C K . ? A K 26 ? 1_555 O6 ? B DG  10 ? B DG  22 ? 1_555 175.4 ? 
28 O6 ? B DG 9  ? B DG 21 ? 1_555 K ? C K . ? A K 26 ? 1_555 O6 ? B DG  10 ? B DG  22 ? 1_555 73.0  ? 
29 O6 ? A DG 2  ? A DG 2  ? 1_555 K ? D K . ? A K 27 ? 1_555 O6 ? A DG  3  ? A DG  3  ? 1_555 93.4  ? 
30 O6 ? A DG 2  ? A DG 2  ? 1_555 K ? D K . ? A K 27 ? 1_555 O6 ? A DG  10 ? A DG  10 ? 1_555 127.5 ? 
31 O6 ? A DG 3  ? A DG 3  ? 1_555 K ? D K . ? A K 27 ? 1_555 O6 ? A DG  10 ? A DG  10 ? 1_555 110.2 ? 
32 O6 ? A DG 2  ? A DG 2  ? 1_555 K ? D K . ? A K 27 ? 1_555 O6 ? A DG  11 ? A DG  11 ? 1_555 106.3 ? 
33 O6 ? A DG 3  ? A DG 3  ? 1_555 K ? D K . ? A K 27 ? 1_555 O6 ? A DG  11 ? A DG  11 ? 1_555 132.7 ? 
34 O6 ? A DG 10 ? A DG 10 ? 1_555 K ? D K . ? A K 27 ? 1_555 O6 ? A DG  11 ? A DG  11 ? 1_555 91.3  ? 
35 O6 ? A DG 2  ? A DG 2  ? 1_555 K ? D K . ? A K 27 ? 1_555 O6 ? B DG  2  ? B DG  14 ? 1_555 157.8 ? 
36 O6 ? A DG 3  ? A DG 3  ? 1_555 K ? D K . ? A K 27 ? 1_555 O6 ? B DG  2  ? B DG  14 ? 1_555 71.0  ? 
37 O6 ? A DG 10 ? A DG 10 ? 1_555 K ? D K . ? A K 27 ? 1_555 O6 ? B DG  2  ? B DG  14 ? 1_555 73.9  ? 
38 O6 ? A DG 11 ? A DG 11 ? 1_555 K ? D K . ? A K 27 ? 1_555 O6 ? B DG  2  ? B DG  14 ? 1_555 75.8  ? 
39 O6 ? A DG 2  ? A DG 2  ? 1_555 K ? D K . ? A K 27 ? 1_555 O6 ? B DG  3  ? B DG  15 ? 1_555 72.4  ? 
40 O6 ? A DG 3  ? A DG 3  ? 1_555 K ? D K . ? A K 27 ? 1_555 O6 ? B DG  3  ? B DG  15 ? 1_555 78.9  ? 
41 O6 ? A DG 10 ? A DG 10 ? 1_555 K ? D K . ? A K 27 ? 1_555 O6 ? B DG  3  ? B DG  15 ? 1_555 155.6 ? 
42 O6 ? A DG 11 ? A DG 11 ? 1_555 K ? D K . ? A K 27 ? 1_555 O6 ? B DG  3  ? B DG  15 ? 1_555 67.5  ? 
43 O6 ? B DG 2  ? B DG 14 ? 1_555 K ? D K . ? A K 27 ? 1_555 O6 ? B DG  3  ? B DG  15 ? 1_555 88.7  ? 
44 O6 ? A DG 2  ? A DG 2  ? 1_555 K ? D K . ? A K 27 ? 1_555 O6 ? B DG  10 ? B DG  22 ? 1_555 71.1  ? 
45 O6 ? A DG 3  ? A DG 3  ? 1_555 K ? D K . ? A K 27 ? 1_555 O6 ? B DG  10 ? B DG  22 ? 1_555 158.5 ? 
46 O6 ? A DG 10 ? A DG 10 ? 1_555 K ? D K . ? A K 27 ? 1_555 O6 ? B DG  10 ? B DG  22 ? 1_555 71.1  ? 
47 O6 ? A DG 11 ? A DG 11 ? 1_555 K ? D K . ? A K 27 ? 1_555 O6 ? B DG  10 ? B DG  22 ? 1_555 67.6  ? 
48 O6 ? B DG 2  ? B DG 14 ? 1_555 K ? D K . ? A K 27 ? 1_555 O6 ? B DG  10 ? B DG  22 ? 1_555 127.7 ? 
49 O6 ? B DG 3  ? B DG 15 ? 1_555 K ? D K . ? A K 27 ? 1_555 O6 ? B DG  10 ? B DG  22 ? 1_555 109.0 ? 
50 O6 ? A DG 2  ? A DG 2  ? 1_555 K ? D K . ? A K 27 ? 1_555 O6 ? B DG  11 ? B DG  23 ? 1_555 76.2  ? 
51 O6 ? A DG 3  ? A DG 3  ? 1_555 K ? D K . ? A K 27 ? 1_555 O6 ? B DG  11 ? B DG  23 ? 1_555 68.8  ? 
52 O6 ? A DG 10 ? A DG 10 ? 1_555 K ? D K . ? A K 27 ? 1_555 O6 ? B DG  11 ? B DG  23 ? 1_555 70.5  ? 
53 O6 ? A DG 11 ? A DG 11 ? 1_555 K ? D K . ? A K 27 ? 1_555 O6 ? B DG  11 ? B DG  23 ? 1_555 156.9 ? 
54 O6 ? B DG 2  ? B DG 14 ? 1_555 K ? D K . ? A K 27 ? 1_555 O6 ? B DG  11 ? B DG  23 ? 1_555 110.8 ? 
55 O6 ? B DG 3  ? B DG 15 ? 1_555 K ? D K . ? A K 27 ? 1_555 O6 ? B DG  11 ? B DG  23 ? 1_555 133.0 ? 
56 O6 ? B DG 10 ? B DG 22 ? 1_555 K ? D K . ? A K 27 ? 1_555 O6 ? B DG  11 ? B DG  23 ? 1_555 92.5  ? 
57 O6 ? A DG 4  ? A DG 4  ? 1_555 K ? E K . ? A K 28 ? 1_555 O6 ? A DG  9  ? A DG  9  ? 1_555 120.7 ? 
58 O6 ? A DG 4  ? A DG 4  ? 1_555 K ? E K . ? A K 28 ? 1_555 O6 ? B DG  1  ? B DG  13 ? 1_555 76.2  ? 
59 O6 ? A DG 9  ? A DG 9  ? 1_555 K ? E K . ? A K 28 ? 1_555 O6 ? B DG  1  ? B DG  13 ? 1_555 74.7  ? 
60 O6 ? A DG 4  ? A DG 4  ? 1_555 K ? E K . ? A K 28 ? 1_555 O6 ? B DG  12 ? B DG  24 ? 1_555 73.4  ? 
61 O6 ? A DG 9  ? A DG 9  ? 1_555 K ? E K . ? A K 28 ? 1_555 O6 ? B DG  12 ? B DG  24 ? 1_555 76.5  ? 
62 O6 ? B DG 1  ? B DG 13 ? 1_555 K ? E K . ? A K 28 ? 1_555 O6 ? B DG  12 ? B DG  24 ? 1_555 117.9 ? 
63 O6 ? A DG 12 ? A DG 12 ? 1_555 K ? G K . ? B K 25 ? 1_555 O6 ? B DG  4  ? B DG  16 ? 1_555 67.0  ? 
64 O6 ? A DG 12 ? A DG 12 ? 1_555 K ? G K . ? B K 25 ? 1_555 O2 ? B DT  5  ? B DT  17 ? 1_555 128.4 ? 
65 O6 ? B DG 4  ? B DG 16 ? 1_555 K ? G K . ? B K 25 ? 1_555 O2 ? B DT  5  ? B DT  17 ? 1_555 73.1  ? 
66 O6 ? A DG 12 ? A DG 12 ? 1_555 K ? G K . ? B K 25 ? 1_555 O2 ? B DT  7  ? B DT  19 ? 1_555 152.3 ? 
67 O6 ? B DG 4  ? B DG 16 ? 1_555 K ? G K . ? B K 25 ? 1_555 O2 ? B DT  7  ? B DT  19 ? 1_555 126.2 ? 
68 O2 ? B DT 5  ? B DT 17 ? 1_555 K ? G K . ? B K 25 ? 1_555 O2 ? B DT  7  ? B DT  19 ? 1_555 78.7  ? 
69 O6 ? A DG 12 ? A DG 12 ? 1_555 K ? G K . ? B K 25 ? 1_555 O  ? I HOH .  ? B HOH 40 ? 1_555 99.8  ? 
70 O6 ? B DG 4  ? B DG 16 ? 1_555 K ? G K . ? B K 25 ? 1_555 O  ? I HOH .  ? B HOH 40 ? 1_555 156.2 ? 
71 O2 ? B DT 5  ? B DT 17 ? 1_555 K ? G K . ? B K 25 ? 1_555 O  ? I HOH .  ? B HOH 40 ? 1_555 104.2 ? 
72 O2 ? B DT 7  ? B DT 19 ? 1_555 K ? G K . ? B K 25 ? 1_555 O  ? I HOH .  ? B HOH 40 ? 1_555 74.7  ? 
# 
loop_
_pdbx_audit_revision_history.ordinal 
_pdbx_audit_revision_history.data_content_type 
_pdbx_audit_revision_history.major_revision 
_pdbx_audit_revision_history.minor_revision 
_pdbx_audit_revision_history.revision_date 
1 'Structure model' 1 0 2008-10-14 
2 'Structure model' 1 1 2011-07-13 
3 'Structure model' 1 2 2023-09-06 
# 
_pdbx_audit_revision_details.ordinal             1 
_pdbx_audit_revision_details.revision_ordinal    1 
_pdbx_audit_revision_details.data_content_type   'Structure model' 
_pdbx_audit_revision_details.provider            repository 
_pdbx_audit_revision_details.type                'Initial release' 
_pdbx_audit_revision_details.description         ? 
_pdbx_audit_revision_details.details             ? 
# 
loop_
_pdbx_audit_revision_group.ordinal 
_pdbx_audit_revision_group.revision_ordinal 
_pdbx_audit_revision_group.data_content_type 
_pdbx_audit_revision_group.group 
1 2 'Structure model' 'Version format compliance' 
2 3 'Structure model' 'Data collection'           
3 3 'Structure model' 'Database references'       
4 3 'Structure model' 'Derived calculations'      
5 3 'Structure model' 'Refinement description'    
# 
loop_
_pdbx_audit_revision_category.ordinal 
_pdbx_audit_revision_category.revision_ordinal 
_pdbx_audit_revision_category.data_content_type 
_pdbx_audit_revision_category.category 
1 3 'Structure model' chem_comp_atom                
2 3 'Structure model' chem_comp_bond                
3 3 'Structure model' database_2                    
4 3 'Structure model' pdbx_initial_refinement_model 
5 3 'Structure model' struct_conn                   
6 3 'Structure model' struct_site                   
# 
loop_
_pdbx_audit_revision_item.ordinal 
_pdbx_audit_revision_item.revision_ordinal 
_pdbx_audit_revision_item.data_content_type 
_pdbx_audit_revision_item.item 
1  3 'Structure model' '_database_2.pdbx_DOI'                
2  3 'Structure model' '_database_2.pdbx_database_accession' 
3  3 'Structure model' '_struct_conn.pdbx_dist_value'        
4  3 'Structure model' '_struct_conn.ptnr1_auth_asym_id'     
5  3 'Structure model' '_struct_conn.ptnr1_auth_comp_id'     
6  3 'Structure model' '_struct_conn.ptnr1_auth_seq_id'      
7  3 'Structure model' '_struct_conn.ptnr1_label_asym_id'    
8  3 'Structure model' '_struct_conn.ptnr1_label_atom_id'    
9  3 'Structure model' '_struct_conn.ptnr1_label_comp_id'    
10 3 'Structure model' '_struct_conn.ptnr1_label_seq_id'     
11 3 'Structure model' '_struct_conn.ptnr2_auth_asym_id'     
12 3 'Structure model' '_struct_conn.ptnr2_auth_comp_id'     
13 3 'Structure model' '_struct_conn.ptnr2_auth_seq_id'      
14 3 'Structure model' '_struct_conn.ptnr2_label_asym_id'    
15 3 'Structure model' '_struct_conn.ptnr2_label_atom_id'    
16 3 'Structure model' '_struct_conn.ptnr2_label_comp_id'    
17 3 'Structure model' '_struct_conn.ptnr2_label_seq_id'     
18 3 'Structure model' '_struct_site.pdbx_auth_asym_id'      
19 3 'Structure model' '_struct_site.pdbx_auth_comp_id'      
20 3 'Structure model' '_struct_site.pdbx_auth_seq_id'       
# 
loop_
_software.name 
_software.classification 
_software.version 
_software.citation_id 
_software.pdbx_ordinal 
CrystalClear 'data collection' .        ? 1 
PHASER       phasing           .        ? 2 
REFMAC       refinement        5.2.0019 ? 3 
d*TREK       'data reduction'  .        ? 4 
d*TREK       'data scaling'    .        ? 5 
# 
loop_
_pdbx_validate_rmsd_angle.id 
_pdbx_validate_rmsd_angle.PDB_model_num 
_pdbx_validate_rmsd_angle.auth_atom_id_1 
_pdbx_validate_rmsd_angle.auth_asym_id_1 
_pdbx_validate_rmsd_angle.auth_comp_id_1 
_pdbx_validate_rmsd_angle.auth_seq_id_1 
_pdbx_validate_rmsd_angle.PDB_ins_code_1 
_pdbx_validate_rmsd_angle.label_alt_id_1 
_pdbx_validate_rmsd_angle.auth_atom_id_2 
_pdbx_validate_rmsd_angle.auth_asym_id_2 
_pdbx_validate_rmsd_angle.auth_comp_id_2 
_pdbx_validate_rmsd_angle.auth_seq_id_2 
_pdbx_validate_rmsd_angle.PDB_ins_code_2 
_pdbx_validate_rmsd_angle.label_alt_id_2 
_pdbx_validate_rmsd_angle.auth_atom_id_3 
_pdbx_validate_rmsd_angle.auth_asym_id_3 
_pdbx_validate_rmsd_angle.auth_comp_id_3 
_pdbx_validate_rmsd_angle.auth_seq_id_3 
_pdbx_validate_rmsd_angle.PDB_ins_code_3 
_pdbx_validate_rmsd_angle.label_alt_id_3 
_pdbx_validate_rmsd_angle.angle_value 
_pdbx_validate_rmsd_angle.angle_target_value 
_pdbx_validate_rmsd_angle.angle_deviation 
_pdbx_validate_rmsd_angle.angle_standard_deviation 
_pdbx_validate_rmsd_angle.linker_flag 
1  1 "O4'" A DT 5  ? ? "C1'" A DT 5  ? ? N1 A DT 5  ? ? 110.56 108.30 2.26 0.30 N 
2  1 "O4'" A DT 7  ? ? "C1'" A DT 7  ? ? N1 A DT 7  ? ? 110.70 108.30 2.40 0.30 N 
3  1 "O4'" A DG 9  ? ? "C1'" A DG 9  ? ? N9 A DG 9  ? ? 110.69 108.30 2.39 0.30 N 
4  1 "O4'" A DG 10 ? ? "C1'" A DG 10 ? ? N9 A DG 10 ? ? 110.13 108.30 1.83 0.30 N 
5  1 "O4'" B DG 13 ? ? "C1'" B DG 13 ? ? N9 B DG 13 ? ? 113.40 108.30 5.10 0.30 N 
6  1 "O4'" B DG 14 ? ? "C1'" B DG 14 ? ? N9 B DG 14 ? ? 111.41 108.30 3.11 0.30 N 
7  1 "O4'" B DG 16 ? ? "C1'" B DG 16 ? ? N9 B DG 16 ? ? 111.12 108.30 2.82 0.30 N 
8  1 "O4'" B DT 17 ? ? "C1'" B DT 17 ? ? N1 B DT 17 ? ? 110.55 108.30 2.25 0.30 N 
9  1 "O4'" B DG 21 ? ? "C1'" B DG 21 ? ? N9 B DG 21 ? ? 111.19 108.30 2.89 0.30 N 
10 1 C5    B DG 23 ? ? C6    B DG 23 ? ? N1 B DG 23 ? ? 114.62 111.50 3.12 0.50 N 
# 
loop_
_chem_comp_atom.comp_id 
_chem_comp_atom.atom_id 
_chem_comp_atom.type_symbol 
_chem_comp_atom.pdbx_aromatic_flag 
_chem_comp_atom.pdbx_stereo_config 
_chem_comp_atom.pdbx_ordinal 
DG  OP3    O N N 1   
DG  P      P N N 2   
DG  OP1    O N N 3   
DG  OP2    O N N 4   
DG  "O5'"  O N N 5   
DG  "C5'"  C N N 6   
DG  "C4'"  C N R 7   
DG  "O4'"  O N N 8   
DG  "C3'"  C N S 9   
DG  "O3'"  O N N 10  
DG  "C2'"  C N N 11  
DG  "C1'"  C N R 12  
DG  N9     N Y N 13  
DG  C8     C Y N 14  
DG  N7     N Y N 15  
DG  C5     C Y N 16  
DG  C6     C N N 17  
DG  O6     O N N 18  
DG  N1     N N N 19  
DG  C2     C N N 20  
DG  N2     N N N 21  
DG  N3     N N N 22  
DG  C4     C Y N 23  
DG  HOP3   H N N 24  
DG  HOP2   H N N 25  
DG  "H5'"  H N N 26  
DG  "H5''" H N N 27  
DG  "H4'"  H N N 28  
DG  "H3'"  H N N 29  
DG  "HO3'" H N N 30  
DG  "H2'"  H N N 31  
DG  "H2''" H N N 32  
DG  "H1'"  H N N 33  
DG  H8     H N N 34  
DG  H1     H N N 35  
DG  H21    H N N 36  
DG  H22    H N N 37  
DT  OP3    O N N 38  
DT  P      P N N 39  
DT  OP1    O N N 40  
DT  OP2    O N N 41  
DT  "O5'"  O N N 42  
DT  "C5'"  C N N 43  
DT  "C4'"  C N R 44  
DT  "O4'"  O N N 45  
DT  "C3'"  C N S 46  
DT  "O3'"  O N N 47  
DT  "C2'"  C N N 48  
DT  "C1'"  C N R 49  
DT  N1     N N N 50  
DT  C2     C N N 51  
DT  O2     O N N 52  
DT  N3     N N N 53  
DT  C4     C N N 54  
DT  O4     O N N 55  
DT  C5     C N N 56  
DT  C7     C N N 57  
DT  C6     C N N 58  
DT  HOP3   H N N 59  
DT  HOP2   H N N 60  
DT  "H5'"  H N N 61  
DT  "H5''" H N N 62  
DT  "H4'"  H N N 63  
DT  "H3'"  H N N 64  
DT  "HO3'" H N N 65  
DT  "H2'"  H N N 66  
DT  "H2''" H N N 67  
DT  "H1'"  H N N 68  
DT  H3     H N N 69  
DT  H71    H N N 70  
DT  H72    H N N 71  
DT  H73    H N N 72  
DT  H6     H N N 73  
HOH O      O N N 74  
HOH H1     H N N 75  
HOH H2     H N N 76  
K   K      K N N 77  
NCK O39    O N N 78  
NCK C9     C N N 79  
NCK C10    C N N 80  
NCK C13    C N N 81  
NCK N16    N N N 82  
NCK C18    C N N 83  
NCK C27    C N N 84  
NCK C30    C N N 85  
NCK C20    C N N 86  
NCK C33    C N N 87  
NCK C36    C N N 88  
NCK N7     N N N 89  
NCK C6     C Y N 90  
NCK C40    C Y N 91  
NCK C42    C Y N 92  
NCK C4     C Y N 93  
NCK C3     C Y N 94  
NCK N1     N Y N 95  
NCK C44    C Y N 96  
NCK C45    C Y N 97  
NCK C2     C Y N 98  
NCK C87    C Y N 99  
NCK C47    C Y N 100 
NCK C49    C Y N 101 
NCK C51    C Y N 102 
NCK C85    C Y N 103 
NCK N52    N N N 104 
NCK C54    C N N 105 
NCK O84    O N N 106 
NCK C55    C N N 107 
NCK C58    C N N 108 
NCK N61    N N N 109 
NCK C63    C N N 110 
NCK C66    C N N 111 
NCK C69    C N N 112 
NCK C77    C N N 113 
NCK C72    C N N 114 
NCK C75    C N N 115 
NCK H10    H N N 116 
NCK H10A   H N N 117 
NCK H13    H N N 118 
NCK H13A   H N N 119 
NCK H18    H N N 120 
NCK H18A   H N N 121 
NCK H27    H N N 122 
NCK H27A   H N N 123 
NCK H30    H N N 124 
NCK H20    H N N 125 
NCK H20A   H N N 126 
NCK H20B   H N N 127 
NCK H33    H N N 128 
NCK H33A   H N N 129 
NCK H36    H N N 130 
NCK H36A   H N N 131 
NCK HN7    H N N 132 
NCK H40    H N N 133 
NCK H42    H N N 134 
NCK H4     H N N 135 
NCK H45    H N N 136 
NCK H47    H N N 137 
NCK H49    H N N 138 
NCK H85    H N N 139 
NCK HN52   H N N 140 
NCK H55    H N N 141 
NCK H55A   H N N 142 
NCK H58    H N N 143 
NCK H58A   H N N 144 
NCK H63    H N N 145 
NCK H63A   H N N 146 
NCK H66    H N N 147 
NCK H66A   H N N 148 
NCK H69    H N N 149 
NCK H77    H N N 150 
NCK H77A   H N N 151 
NCK H77B   H N N 152 
NCK H72    H N N 153 
NCK H72A   H N N 154 
NCK H75    H N N 155 
NCK H75A   H N N 156 
# 
loop_
_chem_comp_bond.comp_id 
_chem_comp_bond.atom_id_1 
_chem_comp_bond.atom_id_2 
_chem_comp_bond.value_order 
_chem_comp_bond.pdbx_aromatic_flag 
_chem_comp_bond.pdbx_stereo_config 
_chem_comp_bond.pdbx_ordinal 
DG  OP3   P      sing N N 1   
DG  OP3   HOP3   sing N N 2   
DG  P     OP1    doub N N 3   
DG  P     OP2    sing N N 4   
DG  P     "O5'"  sing N N 5   
DG  OP2   HOP2   sing N N 6   
DG  "O5'" "C5'"  sing N N 7   
DG  "C5'" "C4'"  sing N N 8   
DG  "C5'" "H5'"  sing N N 9   
DG  "C5'" "H5''" sing N N 10  
DG  "C4'" "O4'"  sing N N 11  
DG  "C4'" "C3'"  sing N N 12  
DG  "C4'" "H4'"  sing N N 13  
DG  "O4'" "C1'"  sing N N 14  
DG  "C3'" "O3'"  sing N N 15  
DG  "C3'" "C2'"  sing N N 16  
DG  "C3'" "H3'"  sing N N 17  
DG  "O3'" "HO3'" sing N N 18  
DG  "C2'" "C1'"  sing N N 19  
DG  "C2'" "H2'"  sing N N 20  
DG  "C2'" "H2''" sing N N 21  
DG  "C1'" N9     sing N N 22  
DG  "C1'" "H1'"  sing N N 23  
DG  N9    C8     sing Y N 24  
DG  N9    C4     sing Y N 25  
DG  C8    N7     doub Y N 26  
DG  C8    H8     sing N N 27  
DG  N7    C5     sing Y N 28  
DG  C5    C6     sing N N 29  
DG  C5    C4     doub Y N 30  
DG  C6    O6     doub N N 31  
DG  C6    N1     sing N N 32  
DG  N1    C2     sing N N 33  
DG  N1    H1     sing N N 34  
DG  C2    N2     sing N N 35  
DG  C2    N3     doub N N 36  
DG  N2    H21    sing N N 37  
DG  N2    H22    sing N N 38  
DG  N3    C4     sing N N 39  
DT  OP3   P      sing N N 40  
DT  OP3   HOP3   sing N N 41  
DT  P     OP1    doub N N 42  
DT  P     OP2    sing N N 43  
DT  P     "O5'"  sing N N 44  
DT  OP2   HOP2   sing N N 45  
DT  "O5'" "C5'"  sing N N 46  
DT  "C5'" "C4'"  sing N N 47  
DT  "C5'" "H5'"  sing N N 48  
DT  "C5'" "H5''" sing N N 49  
DT  "C4'" "O4'"  sing N N 50  
DT  "C4'" "C3'"  sing N N 51  
DT  "C4'" "H4'"  sing N N 52  
DT  "O4'" "C1'"  sing N N 53  
DT  "C3'" "O3'"  sing N N 54  
DT  "C3'" "C2'"  sing N N 55  
DT  "C3'" "H3'"  sing N N 56  
DT  "O3'" "HO3'" sing N N 57  
DT  "C2'" "C1'"  sing N N 58  
DT  "C2'" "H2'"  sing N N 59  
DT  "C2'" "H2''" sing N N 60  
DT  "C1'" N1     sing N N 61  
DT  "C1'" "H1'"  sing N N 62  
DT  N1    C2     sing N N 63  
DT  N1    C6     sing N N 64  
DT  C2    O2     doub N N 65  
DT  C2    N3     sing N N 66  
DT  N3    C4     sing N N 67  
DT  N3    H3     sing N N 68  
DT  C4    O4     doub N N 69  
DT  C4    C5     sing N N 70  
DT  C5    C7     sing N N 71  
DT  C5    C6     doub N N 72  
DT  C7    H71    sing N N 73  
DT  C7    H72    sing N N 74  
DT  C7    H73    sing N N 75  
DT  C6    H6     sing N N 76  
HOH O     H1     sing N N 77  
HOH O     H2     sing N N 78  
NCK C9    O39    doub N N 79  
NCK C10   C9     sing N N 80  
NCK C9    N7     sing N N 81  
NCK C13   C10    sing N N 82  
NCK C10   H10    sing N N 83  
NCK C10   H10A   sing N N 84  
NCK N16   C13    sing N N 85  
NCK C13   H13    sing N N 86  
NCK C13   H13A   sing N N 87  
NCK C36   N16    sing N N 88  
NCK N16   C18    sing N N 89  
NCK C27   C18    sing N N 90  
NCK C18   H18    sing N N 91  
NCK C18   H18A   sing N N 92  
NCK C30   C27    sing N N 93  
NCK C27   H27    sing N N 94  
NCK C27   H27A   sing N N 95  
NCK C33   C30    sing N N 96  
NCK C20   C30    sing N N 97  
NCK C30   H30    sing N N 98  
NCK C20   H20    sing N N 99  
NCK C20   H20A   sing N N 100 
NCK C20   H20B   sing N N 101 
NCK C33   C36    sing N N 102 
NCK C33   H33    sing N N 103 
NCK C33   H33A   sing N N 104 
NCK C36   H36    sing N N 105 
NCK C36   H36A   sing N N 106 
NCK N7    C6     sing N N 107 
NCK N7    HN7    sing N N 108 
NCK C6    C4     doub Y N 109 
NCK C6    C40    sing Y N 110 
NCK C40   C42    doub Y N 111 
NCK C40   H40    sing N N 112 
NCK C42   C44    sing Y N 113 
NCK C42   H42    sing N N 114 
NCK C4    C3     sing Y N 115 
NCK C4    H4     sing N N 116 
NCK C3    N1     doub Y N 117 
NCK C3    C44    sing Y N 118 
NCK N1    C87    sing Y N 119 
NCK C44   C45    doub Y N 120 
NCK C45   C2     sing Y N 121 
NCK C45   H45    sing N N 122 
NCK C87   C2     sing Y N 123 
NCK C2    C47    doub Y N 124 
NCK C87   C85    doub Y N 125 
NCK C47   C49    sing Y N 126 
NCK C47   H47    sing N N 127 
NCK C51   C49    doub Y N 128 
NCK C49   H49    sing N N 129 
NCK C85   C51    sing Y N 130 
NCK C51   N52    sing N N 131 
NCK C85   H85    sing N N 132 
NCK C54   N52    sing N N 133 
NCK N52   HN52   sing N N 134 
NCK O84   C54    doub N N 135 
NCK C54   C55    sing N N 136 
NCK C58   C55    sing N N 137 
NCK C55   H55    sing N N 138 
NCK C55   H55A   sing N N 139 
NCK C58   N61    sing N N 140 
NCK C58   H58    sing N N 141 
NCK C58   H58A   sing N N 142 
NCK C63   N61    sing N N 143 
NCK N61   C75    sing N N 144 
NCK C63   C66    sing N N 145 
NCK C63   H63    sing N N 146 
NCK C63   H63A   sing N N 147 
NCK C66   C69    sing N N 148 
NCK C66   H66    sing N N 149 
NCK C66   H66A   sing N N 150 
NCK C69   C77    sing N N 151 
NCK C69   C72    sing N N 152 
NCK C69   H69    sing N N 153 
NCK C77   H77    sing N N 154 
NCK C77   H77A   sing N N 155 
NCK C77   H77B   sing N N 156 
NCK C75   C72    sing N N 157 
NCK C72   H72    sing N N 158 
NCK C72   H72A   sing N N 159 
NCK C75   H75    sing N N 160 
NCK C75   H75A   sing N N 161 
# 
_ndb_struct_conf_na.entry_id   3ES0 
_ndb_struct_conf_na.feature    'quadruple helix' 
# 
loop_
_pdbx_entity_nonpoly.entity_id 
_pdbx_entity_nonpoly.name 
_pdbx_entity_nonpoly.comp_id 
2 'POTASSIUM ION'                                       K   
3 '3,6-Bis[3-(4-methylpiperidino)propionamido]acridine' NCK 
4 water                                                 HOH 
# 
_pdbx_initial_refinement_model.id               1 
_pdbx_initial_refinement_model.entity_id_list   ? 
_pdbx_initial_refinement_model.type             'experimental model' 
_pdbx_initial_refinement_model.source_name      PDB 
_pdbx_initial_refinement_model.accession_code   1L1H 
_pdbx_initial_refinement_model.details          'PDB entry 1L1H' 
# 
